data_1MKN
# 
_entry.id   1MKN 
# 
_audit_conform.dict_name       mmcif_pdbx.dic 
_audit_conform.dict_version    5.399 
_audit_conform.dict_location   http://mmcif.pdb.org/dictionaries/ascii/mmcif_pdbx.dic 
# 
loop_
_database_2.database_id 
_database_2.database_code 
_database_2.pdbx_database_accession 
_database_2.pdbx_DOI 
PDB   1MKN         pdb_00001mkn 10.2210/pdb1mkn/pdb 
RCSB  RCSB000661   ?            ?                   
WWPDB D_1000000661 ?            ?                   
# 
loop_
_pdbx_audit_revision_history.ordinal 
_pdbx_audit_revision_history.data_content_type 
_pdbx_audit_revision_history.major_revision 
_pdbx_audit_revision_history.minor_revision 
_pdbx_audit_revision_history.revision_date 
1 'Structure model' 1 0 1999-03-23 
2 'Structure model' 1 1 2008-04-26 
3 'Structure model' 1 2 2011-07-13 
4 'Structure model' 1 3 2022-02-23 
5 'Structure model' 1 4 2023-12-27 
6 'Structure model' 1 5 2024-11-20 
# 
_pdbx_audit_revision_details.ordinal             1 
_pdbx_audit_revision_details.revision_ordinal    1 
_pdbx_audit_revision_details.data_content_type   'Structure model' 
_pdbx_audit_revision_details.provider            repository 
_pdbx_audit_revision_details.type                'Initial release' 
_pdbx_audit_revision_details.description         ? 
_pdbx_audit_revision_details.details             ? 
# 
loop_
_pdbx_audit_revision_group.ordinal 
_pdbx_audit_revision_group.revision_ordinal 
_pdbx_audit_revision_group.data_content_type 
_pdbx_audit_revision_group.group 
1 2 'Structure model' 'Version format compliance' 
2 3 'Structure model' 'Version format compliance' 
3 4 'Structure model' 'Database references'       
4 4 'Structure model' 'Derived calculations'      
5 5 'Structure model' 'Data collection'           
6 6 'Structure model' 'Structure summary'         
# 
loop_
_pdbx_audit_revision_category.ordinal 
_pdbx_audit_revision_category.revision_ordinal 
_pdbx_audit_revision_category.data_content_type 
_pdbx_audit_revision_category.category 
1 4 'Structure model' database_2                
2 4 'Structure model' pdbx_struct_assembly      
3 4 'Structure model' pdbx_struct_oper_list     
4 5 'Structure model' chem_comp_atom            
5 5 'Structure model' chem_comp_bond            
6 6 'Structure model' pdbx_entry_details        
7 6 'Structure model' pdbx_modification_feature 
# 
loop_
_pdbx_audit_revision_item.ordinal 
_pdbx_audit_revision_item.revision_ordinal 
_pdbx_audit_revision_item.data_content_type 
_pdbx_audit_revision_item.item 
1 4 'Structure model' '_database_2.pdbx_DOI'                
2 4 'Structure model' '_database_2.pdbx_database_accession' 
# 
_pdbx_database_status.status_code                     REL 
_pdbx_database_status.entry_id                        1MKN 
_pdbx_database_status.recvd_initial_deposition_date   1999-03-16 
_pdbx_database_status.deposit_site                    BNL 
_pdbx_database_status.process_site                    RCSB 
_pdbx_database_status.SG_entry                        . 
_pdbx_database_status.pdb_format_compatible           Y 
_pdbx_database_status.status_code_mr                  ? 
_pdbx_database_status.status_code_sf                  ? 
_pdbx_database_status.status_code_cs                  ? 
_pdbx_database_status.status_code_nmr_data            ? 
_pdbx_database_status.methods_development_category    ? 
# 
loop_
_audit_author.name 
_audit_author.pdbx_ordinal 
'Iwasaki, W.'   1  
'Nagata, K.'    2  
'Hatanaka, H.'  3  
'Ogura, K.'     4  
'Inui, T.'      5  
'Kimura, T.'    6  
'Muramatsu, T.' 7  
'Yoshida, K.'   8  
'Tasumi, M.'    9  
'Inagaki, F.'   10 
# 
_citation.id                        primary 
_citation.title                     'Solution structure of midkine, a new heparin-binding growth factor.' 
_citation.journal_abbrev            'EMBO J.' 
_citation.journal_volume            16 
_citation.page_first                6936 
_citation.page_last                 6946 
_citation.year                      1997 
_citation.journal_id_ASTM           EMJODG 
_citation.country                   UK 
_citation.journal_id_ISSN           0261-4189 
_citation.journal_id_CSD            0897 
_citation.book_publisher            ? 
_citation.pdbx_database_id_PubMed   9384573 
_citation.pdbx_database_id_DOI      10.1093/emboj/16.23.6936 
# 
loop_
_citation_author.citation_id 
_citation_author.name 
_citation_author.ordinal 
_citation_author.identifier_ORCID 
primary 'Iwasaki, W.'   1 ? 
primary 'Nagata, K.'    2 ? 
primary 'Hatanaka, H.'  3 ? 
primary 'Inui, T.'      4 ? 
primary 'Kimura, T.'    5 ? 
primary 'Muramatsu, T.' 6 ? 
primary 'Yoshida, K.'   7 ? 
primary 'Tasumi, M.'    8 ? 
primary 'Inagaki, F.'   9 ? 
# 
_entity.id                         1 
_entity.type                       polymer 
_entity.src_method                 syn 
_entity.pdbx_description           'PROTEIN (MIDKINE)' 
_entity.formula_weight             6488.487 
_entity.pdbx_number_of_molecules   1 
_entity.pdbx_ec                    ? 
_entity.pdbx_mutation              ? 
_entity.pdbx_fragment              'N-TERMINAL HALF' 
_entity.details                    ? 
# 
_entity_poly.entity_id                      1 
_entity_poly.type                           'polypeptide(L)' 
_entity_poly.nstd_linkage                   no 
_entity_poly.nstd_monomer                   no 
_entity_poly.pdbx_seq_one_letter_code       KKKDKVKKGGPGSECAEWAWGPCTPSSKDCGVGFREGTCGAQTQRIRCRVPCNWKKEFG 
_entity_poly.pdbx_seq_one_letter_code_can   KKKDKVKKGGPGSECAEWAWGPCTPSSKDCGVGFREGTCGAQTQRIRCRVPCNWKKEFG 
_entity_poly.pdbx_strand_id                 A 
_entity_poly.pdbx_target_identifier         ? 
# 
loop_
_entity_poly_seq.entity_id 
_entity_poly_seq.num 
_entity_poly_seq.mon_id 
_entity_poly_seq.hetero 
1 1  LYS n 
1 2  LYS n 
1 3  LYS n 
1 4  ASP n 
1 5  LYS n 
1 6  VAL n 
1 7  LYS n 
1 8  LYS n 
1 9  GLY n 
1 10 GLY n 
1 11 PRO n 
1 12 GLY n 
1 13 SER n 
1 14 GLU n 
1 15 CYS n 
1 16 ALA n 
1 17 GLU n 
1 18 TRP n 
1 19 ALA n 
1 20 TRP n 
1 21 GLY n 
1 22 PRO n 
1 23 CYS n 
1 24 THR n 
1 25 PRO n 
1 26 SER n 
1 27 SER n 
1 28 LYS n 
1 29 ASP n 
1 30 CYS n 
1 31 GLY n 
1 32 VAL n 
1 33 GLY n 
1 34 PHE n 
1 35 ARG n 
1 36 GLU n 
1 37 GLY n 
1 38 THR n 
1 39 CYS n 
1 40 GLY n 
1 41 ALA n 
1 42 GLN n 
1 43 THR n 
1 44 GLN n 
1 45 ARG n 
1 46 ILE n 
1 47 ARG n 
1 48 CYS n 
1 49 ARG n 
1 50 VAL n 
1 51 PRO n 
1 52 CYS n 
1 53 ASN n 
1 54 TRP n 
1 55 LYS n 
1 56 LYS n 
1 57 GLU n 
1 58 PHE n 
1 59 GLY n 
# 
_pdbx_entity_src_syn.entity_id              1 
_pdbx_entity_src_syn.pdbx_src_id            1 
_pdbx_entity_src_syn.pdbx_alt_source_flag   sample 
_pdbx_entity_src_syn.pdbx_beg_seq_num       ? 
_pdbx_entity_src_syn.pdbx_end_seq_num       ? 
_pdbx_entity_src_syn.organism_scientific    ? 
_pdbx_entity_src_syn.organism_common_name   ? 
_pdbx_entity_src_syn.ncbi_taxonomy_id       ? 
_pdbx_entity_src_syn.details                
'THE PROTEIN WAS CHEMICALLY SYNTHESIZED. THE SEQUENCE OF THIS PROTEIN IS NATURALLY FOUND IN HOMO SAPIENS (HUMAN).' 
# 
loop_
_chem_comp.id 
_chem_comp.type 
_chem_comp.mon_nstd_flag 
_chem_comp.name 
_chem_comp.pdbx_synonyms 
_chem_comp.formula 
_chem_comp.formula_weight 
ALA 'L-peptide linking' y ALANINE         ? 'C3 H7 N O2'     89.093  
ARG 'L-peptide linking' y ARGININE        ? 'C6 H15 N4 O2 1' 175.209 
ASN 'L-peptide linking' y ASPARAGINE      ? 'C4 H8 N2 O3'    132.118 
ASP 'L-peptide linking' y 'ASPARTIC ACID' ? 'C4 H7 N O4'     133.103 
CYS 'L-peptide linking' y CYSTEINE        ? 'C3 H7 N O2 S'   121.158 
GLN 'L-peptide linking' y GLUTAMINE       ? 'C5 H10 N2 O3'   146.144 
GLU 'L-peptide linking' y 'GLUTAMIC ACID' ? 'C5 H9 N O4'     147.129 
GLY 'peptide linking'   y GLYCINE         ? 'C2 H5 N O2'     75.067  
ILE 'L-peptide linking' y ISOLEUCINE      ? 'C6 H13 N O2'    131.173 
LYS 'L-peptide linking' y LYSINE          ? 'C6 H15 N2 O2 1' 147.195 
PHE 'L-peptide linking' y PHENYLALANINE   ? 'C9 H11 N O2'    165.189 
PRO 'L-peptide linking' y PROLINE         ? 'C5 H9 N O2'     115.130 
SER 'L-peptide linking' y SERINE          ? 'C3 H7 N O3'     105.093 
THR 'L-peptide linking' y THREONINE       ? 'C4 H9 N O3'     119.119 
TRP 'L-peptide linking' y TRYPTOPHAN      ? 'C11 H12 N2 O2'  204.225 
VAL 'L-peptide linking' y VALINE          ? 'C5 H11 N O2'    117.146 
# 
loop_
_pdbx_poly_seq_scheme.asym_id 
_pdbx_poly_seq_scheme.entity_id 
_pdbx_poly_seq_scheme.seq_id 
_pdbx_poly_seq_scheme.mon_id 
_pdbx_poly_seq_scheme.ndb_seq_num 
_pdbx_poly_seq_scheme.pdb_seq_num 
_pdbx_poly_seq_scheme.auth_seq_num 
_pdbx_poly_seq_scheme.pdb_mon_id 
_pdbx_poly_seq_scheme.auth_mon_id 
_pdbx_poly_seq_scheme.pdb_strand_id 
_pdbx_poly_seq_scheme.pdb_ins_code 
_pdbx_poly_seq_scheme.hetero 
A 1 1  LYS 1  1  1  LYS LYS A . n 
A 1 2  LYS 2  2  2  LYS LYS A . n 
A 1 3  LYS 3  3  3  LYS LYS A . n 
A 1 4  ASP 4  4  4  ASP ASP A . n 
A 1 5  LYS 5  5  5  LYS LYS A . n 
A 1 6  VAL 6  6  6  VAL VAL A . n 
A 1 7  LYS 7  7  7  LYS LYS A . n 
A 1 8  LYS 8  8  8  LYS LYS A . n 
A 1 9  GLY 9  9  9  GLY GLY A . n 
A 1 10 GLY 10 10 10 GLY GLY A . n 
A 1 11 PRO 11 11 11 PRO PRO A . n 
A 1 12 GLY 12 12 12 GLY GLY A . n 
A 1 13 SER 13 13 13 SER SER A . n 
A 1 14 GLU 14 14 14 GLU GLU A . n 
A 1 15 CYS 15 15 15 CYS CYS A . n 
A 1 16 ALA 16 16 16 ALA ALA A . n 
A 1 17 GLU 17 17 17 GLU GLU A . n 
A 1 18 TRP 18 18 18 TRP TRP A . n 
A 1 19 ALA 19 19 19 ALA ALA A . n 
A 1 20 TRP 20 20 20 TRP TRP A . n 
A 1 21 GLY 21 21 21 GLY GLY A . n 
A 1 22 PRO 22 22 22 PRO PRO A . n 
A 1 23 CYS 23 23 23 CYS CYS A . n 
A 1 24 THR 24 24 24 THR THR A . n 
A 1 25 PRO 25 25 25 PRO PRO A . n 
A 1 26 SER 26 26 26 SER SER A . n 
A 1 27 SER 27 27 27 SER SER A . n 
A 1 28 LYS 28 28 28 LYS LYS A . n 
A 1 29 ASP 29 29 29 ASP ASP A . n 
A 1 30 CYS 30 30 30 CYS CYS A . n 
A 1 31 GLY 31 31 31 GLY GLY A . n 
A 1 32 VAL 32 32 32 VAL VAL A . n 
A 1 33 GLY 33 33 33 GLY GLY A . n 
A 1 34 PHE 34 34 34 PHE PHE A . n 
A 1 35 ARG 35 35 35 ARG ARG A . n 
A 1 36 GLU 36 36 36 GLU GLU A . n 
A 1 37 GLY 37 37 37 GLY GLY A . n 
A 1 38 THR 38 38 38 THR THR A . n 
A 1 39 CYS 39 39 39 CYS CYS A . n 
A 1 40 GLY 40 40 40 GLY GLY A . n 
A 1 41 ALA 41 41 41 ALA ALA A . n 
A 1 42 GLN 42 42 42 GLN GLN A . n 
A 1 43 THR 43 43 43 THR THR A . n 
A 1 44 GLN 44 44 44 GLN GLN A . n 
A 1 45 ARG 45 45 45 ARG ARG A . n 
A 1 46 ILE 46 46 46 ILE ILE A . n 
A 1 47 ARG 47 47 47 ARG ARG A . n 
A 1 48 CYS 48 48 48 CYS CYS A . n 
A 1 49 ARG 49 49 49 ARG ARG A . n 
A 1 50 VAL 50 50 50 VAL VAL A . n 
A 1 51 PRO 51 51 51 PRO PRO A . n 
A 1 52 CYS 52 52 52 CYS CYS A . n 
A 1 53 ASN 53 53 53 ASN ASN A . n 
A 1 54 TRP 54 54 54 TRP TRP A . n 
A 1 55 LYS 55 55 55 LYS LYS A . n 
A 1 56 LYS 56 56 56 LYS LYS A . n 
A 1 57 GLU 57 57 57 GLU GLU A . n 
A 1 58 PHE 58 58 58 PHE PHE A . n 
A 1 59 GLY 59 59 59 GLY GLY A . n 
# 
_cell.entry_id           1MKN 
_cell.length_a           1.000 
_cell.length_b           1.000 
_cell.length_c           1.000 
_cell.angle_alpha        90.00 
_cell.angle_beta         90.00 
_cell.angle_gamma        90.00 
_cell.Z_PDB              1 
_cell.pdbx_unique_axis   ? 
# 
_symmetry.entry_id                         1MKN 
_symmetry.space_group_name_H-M             'P 1' 
_symmetry.pdbx_full_space_group_name_H-M   ? 
_symmetry.cell_setting                     ? 
_symmetry.Int_Tables_number                1 
# 
_exptl.entry_id          1MKN 
_exptl.method            'SOLUTION NMR' 
_exptl.crystals_number   ? 
# 
_struct.entry_id                  1MKN 
_struct.title                     'N-TERMINAL HALF OF MIDKINE' 
_struct.pdbx_model_details        ? 
_struct.pdbx_CASP_flag            ? 
_struct.pdbx_model_type_details   ? 
# 
_struct_keywords.entry_id        1MKN 
_struct_keywords.pdbx_keywords   'HEPARIN-BINDING GROWTH FACTOR' 
_struct_keywords.text            'HEPARIN-BINDING GROWTH FACTOR' 
# 
_struct_asym.id                            A 
_struct_asym.pdbx_blank_PDB_chainid_flag   N 
_struct_asym.pdbx_modified                 N 
_struct_asym.entity_id                     1 
_struct_asym.details                       ? 
# 
_struct_ref.id                         1 
_struct_ref.db_name                    UNP 
_struct_ref.db_code                    MK_HUMAN 
_struct_ref.entity_id                  1 
_struct_ref.pdbx_db_accession          P21741 
_struct_ref.pdbx_db_isoform            ? 
_struct_ref.pdbx_seq_one_letter_code   ? 
_struct_ref.pdbx_align_begin           ? 
# 
_struct_ref_seq.align_id                      1 
_struct_ref_seq.ref_id                        1 
_struct_ref_seq.pdbx_PDB_id_code              1MKN 
_struct_ref_seq.pdbx_strand_id                A 
_struct_ref_seq.seq_align_beg                 1 
_struct_ref_seq.pdbx_seq_align_beg_ins_code   ? 
_struct_ref_seq.seq_align_end                 59 
_struct_ref_seq.pdbx_seq_align_end_ins_code   ? 
_struct_ref_seq.pdbx_db_accession             P21741 
_struct_ref_seq.db_align_beg                  23 
_struct_ref_seq.pdbx_db_align_beg_ins_code    ? 
_struct_ref_seq.db_align_end                  81 
_struct_ref_seq.pdbx_db_align_end_ins_code    ? 
_struct_ref_seq.pdbx_auth_seq_align_beg       1 
_struct_ref_seq.pdbx_auth_seq_align_end       59 
# 
_pdbx_struct_assembly.id                   1 
_pdbx_struct_assembly.details              author_defined_assembly 
_pdbx_struct_assembly.method_details       ? 
_pdbx_struct_assembly.oligomeric_details   monomeric 
_pdbx_struct_assembly.oligomeric_count     1 
# 
_pdbx_struct_assembly_gen.assembly_id       1 
_pdbx_struct_assembly_gen.oper_expression   1 
_pdbx_struct_assembly_gen.asym_id_list      A 
# 
_pdbx_struct_oper_list.id                   1 
_pdbx_struct_oper_list.type                 'identity operation' 
_pdbx_struct_oper_list.name                 1_555 
_pdbx_struct_oper_list.symmetry_operation   x,y,z 
_pdbx_struct_oper_list.matrix[1][1]         1.0000000000 
_pdbx_struct_oper_list.matrix[1][2]         0.0000000000 
_pdbx_struct_oper_list.matrix[1][3]         0.0000000000 
_pdbx_struct_oper_list.vector[1]            0.0000000000 
_pdbx_struct_oper_list.matrix[2][1]         0.0000000000 
_pdbx_struct_oper_list.matrix[2][2]         1.0000000000 
_pdbx_struct_oper_list.matrix[2][3]         0.0000000000 
_pdbx_struct_oper_list.vector[2]            0.0000000000 
_pdbx_struct_oper_list.matrix[3][1]         0.0000000000 
_pdbx_struct_oper_list.matrix[3][2]         0.0000000000 
_pdbx_struct_oper_list.matrix[3][3]         1.0000000000 
_pdbx_struct_oper_list.vector[3]            0.0000000000 
# 
_struct_biol.id   1 
# 
loop_
_struct_conn.id 
_struct_conn.conn_type_id 
_struct_conn.pdbx_leaving_atom_flag 
_struct_conn.pdbx_PDB_id 
_struct_conn.ptnr1_label_asym_id 
_struct_conn.ptnr1_label_comp_id 
_struct_conn.ptnr1_label_seq_id 
_struct_conn.ptnr1_label_atom_id 
_struct_conn.pdbx_ptnr1_label_alt_id 
_struct_conn.pdbx_ptnr1_PDB_ins_code 
_struct_conn.pdbx_ptnr1_standard_comp_id 
_struct_conn.ptnr1_symmetry 
_struct_conn.ptnr2_label_asym_id 
_struct_conn.ptnr2_label_comp_id 
_struct_conn.ptnr2_label_seq_id 
_struct_conn.ptnr2_label_atom_id 
_struct_conn.pdbx_ptnr2_label_alt_id 
_struct_conn.pdbx_ptnr2_PDB_ins_code 
_struct_conn.ptnr1_auth_asym_id 
_struct_conn.ptnr1_auth_comp_id 
_struct_conn.ptnr1_auth_seq_id 
_struct_conn.ptnr2_auth_asym_id 
_struct_conn.ptnr2_auth_comp_id 
_struct_conn.ptnr2_auth_seq_id 
_struct_conn.ptnr2_symmetry 
_struct_conn.pdbx_ptnr3_label_atom_id 
_struct_conn.pdbx_ptnr3_label_seq_id 
_struct_conn.pdbx_ptnr3_label_comp_id 
_struct_conn.pdbx_ptnr3_label_asym_id 
_struct_conn.pdbx_ptnr3_label_alt_id 
_struct_conn.pdbx_ptnr3_PDB_ins_code 
_struct_conn.details 
_struct_conn.pdbx_dist_value 
_struct_conn.pdbx_value_order 
_struct_conn.pdbx_role 
disulf1 disulf ? ? A CYS 15 SG ? ? ? 1_555 A CYS 39 SG ? ? A CYS 15 A CYS 39 1_555 ? ? ? ? ? ? ? 2.024 ? ? 
disulf2 disulf ? ? A CYS 23 SG ? ? ? 1_555 A CYS 48 SG ? ? A CYS 23 A CYS 48 1_555 ? ? ? ? ? ? ? 2.020 ? ? 
disulf3 disulf ? ? A CYS 30 SG ? ? ? 1_555 A CYS 52 SG ? ? A CYS 30 A CYS 52 1_555 ? ? ? ? ? ? ? 2.021 ? ? 
hydrog1 hydrog ? ? A GLY 21 H  ? ? ? 1_555 A GLU 36 O  ? ? A GLY 21 A GLU 36 1_555 ? ? ? ? ? ? ? ?     ? ? 
hydrog2 hydrog ? ? A GLU 36 H  ? ? ? 1_555 A GLY 21 O  ? ? A GLU 36 A GLY 21 1_555 ? ? ? ? ? ? ? ?     ? ? 
hydrog3 hydrog ? ? A CYS 48 H  ? ? ? 1_555 A GLY 33 O  ? ? A CYS 48 A GLY 33 1_555 ? ? ? ? ? ? ? ?     ? ? 
hydrog4 hydrog ? ? A ARG 35 H  ? ? ? 1_555 A ILE 46 O  ? ? A ARG 35 A ILE 46 1_555 ? ? ? ? ? ? ? ?     ? ? 
hydrog5 hydrog ? ? A ILE 46 H  ? ? ? 1_555 A ARG 35 O  ? ? A ILE 46 A ARG 35 1_555 ? ? ? ? ? ? ? ?     ? ? 
hydrog6 hydrog ? ? A GLY 37 H  ? ? ? 1_555 A GLN 44 O  ? ? A GLY 37 A GLN 44 1_555 ? ? ? ? ? ? ? ?     ? ? 
# 
loop_
_struct_conn_type.id 
_struct_conn_type.criteria 
_struct_conn_type.reference 
disulf ? ? 
hydrog ? ? 
# 
loop_
_pdbx_modification_feature.ordinal 
_pdbx_modification_feature.label_comp_id 
_pdbx_modification_feature.label_asym_id 
_pdbx_modification_feature.label_seq_id 
_pdbx_modification_feature.label_alt_id 
_pdbx_modification_feature.modified_residue_label_comp_id 
_pdbx_modification_feature.modified_residue_label_asym_id 
_pdbx_modification_feature.modified_residue_label_seq_id 
_pdbx_modification_feature.modified_residue_label_alt_id 
_pdbx_modification_feature.auth_comp_id 
_pdbx_modification_feature.auth_asym_id 
_pdbx_modification_feature.auth_seq_id 
_pdbx_modification_feature.PDB_ins_code 
_pdbx_modification_feature.symmetry 
_pdbx_modification_feature.modified_residue_auth_comp_id 
_pdbx_modification_feature.modified_residue_auth_asym_id 
_pdbx_modification_feature.modified_residue_auth_seq_id 
_pdbx_modification_feature.modified_residue_PDB_ins_code 
_pdbx_modification_feature.modified_residue_symmetry 
_pdbx_modification_feature.comp_id_linking_atom 
_pdbx_modification_feature.modified_residue_id_linking_atom 
_pdbx_modification_feature.modified_residue_id 
_pdbx_modification_feature.ref_pcm_id 
_pdbx_modification_feature.ref_comp_id 
_pdbx_modification_feature.type 
_pdbx_modification_feature.category 
1 CYS A 15 ? CYS A 39 ? CYS A 15 ? 1_555 CYS A 39 ? 1_555 SG SG . . . None 'Disulfide bridge' 
2 CYS A 23 ? CYS A 48 ? CYS A 23 ? 1_555 CYS A 48 ? 1_555 SG SG . . . None 'Disulfide bridge' 
3 CYS A 30 ? CYS A 52 ? CYS A 30 ? 1_555 CYS A 52 ? 1_555 SG SG . . . None 'Disulfide bridge' 
# 
_struct_sheet.id               B1 
_struct_sheet.type             ? 
_struct_sheet.number_strands   3 
_struct_sheet.details          ? 
# 
loop_
_struct_sheet_order.sheet_id 
_struct_sheet_order.range_id_1 
_struct_sheet_order.range_id_2 
_struct_sheet_order.offset 
_struct_sheet_order.sense 
B1 1 2 ? anti-parallel 
B1 2 3 ? anti-parallel 
# 
loop_
_struct_sheet_range.sheet_id 
_struct_sheet_range.id 
_struct_sheet_range.beg_label_comp_id 
_struct_sheet_range.beg_label_asym_id 
_struct_sheet_range.beg_label_seq_id 
_struct_sheet_range.pdbx_beg_PDB_ins_code 
_struct_sheet_range.end_label_comp_id 
_struct_sheet_range.end_label_asym_id 
_struct_sheet_range.end_label_seq_id 
_struct_sheet_range.pdbx_end_PDB_ins_code 
_struct_sheet_range.beg_auth_comp_id 
_struct_sheet_range.beg_auth_asym_id 
_struct_sheet_range.beg_auth_seq_id 
_struct_sheet_range.end_auth_comp_id 
_struct_sheet_range.end_auth_asym_id 
_struct_sheet_range.end_auth_seq_id 
B1 1 TRP A 20 ? PRO A 25 ? TRP A 20 PRO A 25 
B1 2 VAL A 32 ? CYS A 39 ? VAL A 32 CYS A 39 
B1 3 GLN A 42 ? VAL A 50 ? GLN A 42 VAL A 50 
# 
loop_
_pdbx_struct_sheet_hbond.sheet_id 
_pdbx_struct_sheet_hbond.range_id_1 
_pdbx_struct_sheet_hbond.range_id_2 
_pdbx_struct_sheet_hbond.range_1_label_atom_id 
_pdbx_struct_sheet_hbond.range_1_label_comp_id 
_pdbx_struct_sheet_hbond.range_1_label_asym_id 
_pdbx_struct_sheet_hbond.range_1_label_seq_id 
_pdbx_struct_sheet_hbond.range_1_PDB_ins_code 
_pdbx_struct_sheet_hbond.range_1_auth_atom_id 
_pdbx_struct_sheet_hbond.range_1_auth_comp_id 
_pdbx_struct_sheet_hbond.range_1_auth_asym_id 
_pdbx_struct_sheet_hbond.range_1_auth_seq_id 
_pdbx_struct_sheet_hbond.range_2_label_atom_id 
_pdbx_struct_sheet_hbond.range_2_label_comp_id 
_pdbx_struct_sheet_hbond.range_2_label_asym_id 
_pdbx_struct_sheet_hbond.range_2_label_seq_id 
_pdbx_struct_sheet_hbond.range_2_PDB_ins_code 
_pdbx_struct_sheet_hbond.range_2_auth_atom_id 
_pdbx_struct_sheet_hbond.range_2_auth_comp_id 
_pdbx_struct_sheet_hbond.range_2_auth_asym_id 
_pdbx_struct_sheet_hbond.range_2_auth_seq_id 
B1 1 2 N GLY A 21 ? N GLY A 21 O GLU A 36 ? O GLU A 36 
B1 2 3 N ARG A 35 ? N ARG A 35 O ILE A 46 ? O ILE A 46 
# 
_pdbx_entry_details.entry_id                   1MKN 
_pdbx_entry_details.compound_details           ? 
_pdbx_entry_details.source_details             ? 
_pdbx_entry_details.nonpolymer_details         ? 
_pdbx_entry_details.sequence_details           ? 
_pdbx_entry_details.has_ligand_of_interest     ? 
_pdbx_entry_details.has_protein_modification   Y 
# 
loop_
_pdbx_validate_torsion.id 
_pdbx_validate_torsion.PDB_model_num 
_pdbx_validate_torsion.auth_comp_id 
_pdbx_validate_torsion.auth_asym_id 
_pdbx_validate_torsion.auth_seq_id 
_pdbx_validate_torsion.PDB_ins_code 
_pdbx_validate_torsion.label_alt_id 
_pdbx_validate_torsion.phi 
_pdbx_validate_torsion.psi 
1  1 LYS A 3  ? ? -93.65  46.41   
2  1 LYS A 5  ? ? -47.35  90.98   
3  1 LYS A 8  ? ? 57.03   151.86  
4  1 PRO A 11 ? ? -78.25  -90.89  
5  1 GLU A 14 ? ? -172.24 145.66  
6  1 CYS A 15 ? ? 63.46   78.33   
7  1 GLU A 17 ? ? -52.65  -88.85  
8  1 TRP A 18 ? ? 57.35   125.53  
9  1 ALA A 19 ? ? -57.20  88.84   
10 1 SER A 27 ? ? -119.09 -97.41  
11 1 LYS A 28 ? ? -61.73  -132.72 
12 1 CYS A 30 ? ? 178.41  -104.72 
13 1 CYS A 39 ? ? -120.96 -66.90  
14 1 GLN A 42 ? ? -114.99 -142.25 
15 1 THR A 43 ? ? 141.71  144.77  
16 1 GLN A 44 ? ? 165.24  -167.12 
17 1 CYS A 48 ? ? -174.35 132.77  
18 1 PRO A 51 ? ? -79.17  35.77   
19 1 CYS A 52 ? ? 39.19   60.49   
20 1 ASN A 53 ? ? -92.76  33.71   
21 1 GLU A 57 ? ? 148.31  95.40   
# 
loop_
_pdbx_validate_planes.id 
_pdbx_validate_planes.PDB_model_num 
_pdbx_validate_planes.auth_comp_id 
_pdbx_validate_planes.auth_asym_id 
_pdbx_validate_planes.auth_seq_id 
_pdbx_validate_planes.PDB_ins_code 
_pdbx_validate_planes.label_alt_id 
_pdbx_validate_planes.rmsd 
_pdbx_validate_planes.type 
1 1 ARG A 35 ? ? 0.244 'SIDE CHAIN' 
2 1 ARG A 45 ? ? 0.251 'SIDE CHAIN' 
3 1 ARG A 47 ? ? 0.228 'SIDE CHAIN' 
4 1 ARG A 49 ? ? 0.116 'SIDE CHAIN' 
# 
_pdbx_nmr_ensemble.entry_id                             1MKN 
_pdbx_nmr_ensemble.conformers_calculated_total_number   ? 
_pdbx_nmr_ensemble.conformers_submitted_total_number    1 
_pdbx_nmr_ensemble.conformer_selection_criteria         ? 
# 
_pdbx_nmr_sample_details.solution_id      1 
_pdbx_nmr_sample_details.contents         '10% WATER/90% D2O' 
_pdbx_nmr_sample_details.solvent_system   ? 
# 
_pdbx_nmr_exptl_sample_conditions.conditions_id       1 
_pdbx_nmr_exptl_sample_conditions.temperature         300 
_pdbx_nmr_exptl_sample_conditions.pressure            1 
_pdbx_nmr_exptl_sample_conditions.pH                  6.0 
_pdbx_nmr_exptl_sample_conditions.ionic_strength      ? 
_pdbx_nmr_exptl_sample_conditions.pressure_units      atm 
_pdbx_nmr_exptl_sample_conditions.temperature_units   K 
# 
loop_
_pdbx_nmr_exptl.experiment_id 
_pdbx_nmr_exptl.conditions_id 
_pdbx_nmr_exptl.type 
_pdbx_nmr_exptl.solution_id 
1 1 NOESY 1 
2 1 COSY  1 
# 
_pdbx_nmr_details.entry_id   1MKN 
_pdbx_nmr_details.text       'MEAN STRUCTURE.' 
# 
_pdbx_nmr_refine.entry_id           1MKN 
_pdbx_nmr_refine.method             'distance geometry' 
_pdbx_nmr_refine.details            ? 
_pdbx_nmr_refine.software_ordinal   1 
# 
loop_
_pdbx_nmr_software.classification 
_pdbx_nmr_software.name 
_pdbx_nmr_software.version 
_pdbx_nmr_software.authors 
_pdbx_nmr_software.ordinal 
refinement           X-PLOR 3.1 BRUNGER 1 
'structure solution' X-PLOR ?   ?       2 
# 
loop_
_chem_comp_atom.comp_id 
_chem_comp_atom.atom_id 
_chem_comp_atom.type_symbol 
_chem_comp_atom.pdbx_aromatic_flag 
_chem_comp_atom.pdbx_stereo_config 
_chem_comp_atom.pdbx_ordinal 
ALA N    N N N 1   
ALA CA   C N S 2   
ALA C    C N N 3   
ALA O    O N N 4   
ALA CB   C N N 5   
ALA OXT  O N N 6   
ALA H    H N N 7   
ALA H2   H N N 8   
ALA HA   H N N 9   
ALA HB1  H N N 10  
ALA HB2  H N N 11  
ALA HB3  H N N 12  
ALA HXT  H N N 13  
ARG N    N N N 14  
ARG CA   C N S 15  
ARG C    C N N 16  
ARG O    O N N 17  
ARG CB   C N N 18  
ARG CG   C N N 19  
ARG CD   C N N 20  
ARG NE   N N N 21  
ARG CZ   C N N 22  
ARG NH1  N N N 23  
ARG NH2  N N N 24  
ARG OXT  O N N 25  
ARG H    H N N 26  
ARG H2   H N N 27  
ARG HA   H N N 28  
ARG HB2  H N N 29  
ARG HB3  H N N 30  
ARG HG2  H N N 31  
ARG HG3  H N N 32  
ARG HD2  H N N 33  
ARG HD3  H N N 34  
ARG HE   H N N 35  
ARG HH11 H N N 36  
ARG HH12 H N N 37  
ARG HH21 H N N 38  
ARG HH22 H N N 39  
ARG HXT  H N N 40  
ASN N    N N N 41  
ASN CA   C N S 42  
ASN C    C N N 43  
ASN O    O N N 44  
ASN CB   C N N 45  
ASN CG   C N N 46  
ASN OD1  O N N 47  
ASN ND2  N N N 48  
ASN OXT  O N N 49  
ASN H    H N N 50  
ASN H2   H N N 51  
ASN HA   H N N 52  
ASN HB2  H N N 53  
ASN HB3  H N N 54  
ASN HD21 H N N 55  
ASN HD22 H N N 56  
ASN HXT  H N N 57  
ASP N    N N N 58  
ASP CA   C N S 59  
ASP C    C N N 60  
ASP O    O N N 61  
ASP CB   C N N 62  
ASP CG   C N N 63  
ASP OD1  O N N 64  
ASP OD2  O N N 65  
ASP OXT  O N N 66  
ASP H    H N N 67  
ASP H2   H N N 68  
ASP HA   H N N 69  
ASP HB2  H N N 70  
ASP HB3  H N N 71  
ASP HD2  H N N 72  
ASP HXT  H N N 73  
CYS N    N N N 74  
CYS CA   C N R 75  
CYS C    C N N 76  
CYS O    O N N 77  
CYS CB   C N N 78  
CYS SG   S N N 79  
CYS OXT  O N N 80  
CYS H    H N N 81  
CYS H2   H N N 82  
CYS HA   H N N 83  
CYS HB2  H N N 84  
CYS HB3  H N N 85  
CYS HG   H N N 86  
CYS HXT  H N N 87  
GLN N    N N N 88  
GLN CA   C N S 89  
GLN C    C N N 90  
GLN O    O N N 91  
GLN CB   C N N 92  
GLN CG   C N N 93  
GLN CD   C N N 94  
GLN OE1  O N N 95  
GLN NE2  N N N 96  
GLN OXT  O N N 97  
GLN H    H N N 98  
GLN H2   H N N 99  
GLN HA   H N N 100 
GLN HB2  H N N 101 
GLN HB3  H N N 102 
GLN HG2  H N N 103 
GLN HG3  H N N 104 
GLN HE21 H N N 105 
GLN HE22 H N N 106 
GLN HXT  H N N 107 
GLU N    N N N 108 
GLU CA   C N S 109 
GLU C    C N N 110 
GLU O    O N N 111 
GLU CB   C N N 112 
GLU CG   C N N 113 
GLU CD   C N N 114 
GLU OE1  O N N 115 
GLU OE2  O N N 116 
GLU OXT  O N N 117 
GLU H    H N N 118 
GLU H2   H N N 119 
GLU HA   H N N 120 
GLU HB2  H N N 121 
GLU HB3  H N N 122 
GLU HG2  H N N 123 
GLU HG3  H N N 124 
GLU HE2  H N N 125 
GLU HXT  H N N 126 
GLY N    N N N 127 
GLY CA   C N N 128 
GLY C    C N N 129 
GLY O    O N N 130 
GLY OXT  O N N 131 
GLY H    H N N 132 
GLY H2   H N N 133 
GLY HA2  H N N 134 
GLY HA3  H N N 135 
GLY HXT  H N N 136 
ILE N    N N N 137 
ILE CA   C N S 138 
ILE C    C N N 139 
ILE O    O N N 140 
ILE CB   C N S 141 
ILE CG1  C N N 142 
ILE CG2  C N N 143 
ILE CD1  C N N 144 
ILE OXT  O N N 145 
ILE H    H N N 146 
ILE H2   H N N 147 
ILE HA   H N N 148 
ILE HB   H N N 149 
ILE HG12 H N N 150 
ILE HG13 H N N 151 
ILE HG21 H N N 152 
ILE HG22 H N N 153 
ILE HG23 H N N 154 
ILE HD11 H N N 155 
ILE HD12 H N N 156 
ILE HD13 H N N 157 
ILE HXT  H N N 158 
LYS N    N N N 159 
LYS CA   C N S 160 
LYS C    C N N 161 
LYS O    O N N 162 
LYS CB   C N N 163 
LYS CG   C N N 164 
LYS CD   C N N 165 
LYS CE   C N N 166 
LYS NZ   N N N 167 
LYS OXT  O N N 168 
LYS H    H N N 169 
LYS H2   H N N 170 
LYS HA   H N N 171 
LYS HB2  H N N 172 
LYS HB3  H N N 173 
LYS HG2  H N N 174 
LYS HG3  H N N 175 
LYS HD2  H N N 176 
LYS HD3  H N N 177 
LYS HE2  H N N 178 
LYS HE3  H N N 179 
LYS HZ1  H N N 180 
LYS HZ2  H N N 181 
LYS HZ3  H N N 182 
LYS HXT  H N N 183 
PHE N    N N N 184 
PHE CA   C N S 185 
PHE C    C N N 186 
PHE O    O N N 187 
PHE CB   C N N 188 
PHE CG   C Y N 189 
PHE CD1  C Y N 190 
PHE CD2  C Y N 191 
PHE CE1  C Y N 192 
PHE CE2  C Y N 193 
PHE CZ   C Y N 194 
PHE OXT  O N N 195 
PHE H    H N N 196 
PHE H2   H N N 197 
PHE HA   H N N 198 
PHE HB2  H N N 199 
PHE HB3  H N N 200 
PHE HD1  H N N 201 
PHE HD2  H N N 202 
PHE HE1  H N N 203 
PHE HE2  H N N 204 
PHE HZ   H N N 205 
PHE HXT  H N N 206 
PRO N    N N N 207 
PRO CA   C N S 208 
PRO C    C N N 209 
PRO O    O N N 210 
PRO CB   C N N 211 
PRO CG   C N N 212 
PRO CD   C N N 213 
PRO OXT  O N N 214 
PRO H    H N N 215 
PRO HA   H N N 216 
PRO HB2  H N N 217 
PRO HB3  H N N 218 
PRO HG2  H N N 219 
PRO HG3  H N N 220 
PRO HD2  H N N 221 
PRO HD3  H N N 222 
PRO HXT  H N N 223 
SER N    N N N 224 
SER CA   C N S 225 
SER C    C N N 226 
SER O    O N N 227 
SER CB   C N N 228 
SER OG   O N N 229 
SER OXT  O N N 230 
SER H    H N N 231 
SER H2   H N N 232 
SER HA   H N N 233 
SER HB2  H N N 234 
SER HB3  H N N 235 
SER HG   H N N 236 
SER HXT  H N N 237 
THR N    N N N 238 
THR CA   C N S 239 
THR C    C N N 240 
THR O    O N N 241 
THR CB   C N R 242 
THR OG1  O N N 243 
THR CG2  C N N 244 
THR OXT  O N N 245 
THR H    H N N 246 
THR H2   H N N 247 
THR HA   H N N 248 
THR HB   H N N 249 
THR HG1  H N N 250 
THR HG21 H N N 251 
THR HG22 H N N 252 
THR HG23 H N N 253 
THR HXT  H N N 254 
TRP N    N N N 255 
TRP CA   C N S 256 
TRP C    C N N 257 
TRP O    O N N 258 
TRP CB   C N N 259 
TRP CG   C Y N 260 
TRP CD1  C Y N 261 
TRP CD2  C Y N 262 
TRP NE1  N Y N 263 
TRP CE2  C Y N 264 
TRP CE3  C Y N 265 
TRP CZ2  C Y N 266 
TRP CZ3  C Y N 267 
TRP CH2  C Y N 268 
TRP OXT  O N N 269 
TRP H    H N N 270 
TRP H2   H N N 271 
TRP HA   H N N 272 
TRP HB2  H N N 273 
TRP HB3  H N N 274 
TRP HD1  H N N 275 
TRP HE1  H N N 276 
TRP HE3  H N N 277 
TRP HZ2  H N N 278 
TRP HZ3  H N N 279 
TRP HH2  H N N 280 
TRP HXT  H N N 281 
VAL N    N N N 282 
VAL CA   C N S 283 
VAL C    C N N 284 
VAL O    O N N 285 
VAL CB   C N N 286 
VAL CG1  C N N 287 
VAL CG2  C N N 288 
VAL OXT  O N N 289 
VAL H    H N N 290 
VAL H2   H N N 291 
VAL HA   H N N 292 
VAL HB   H N N 293 
VAL HG11 H N N 294 
VAL HG12 H N N 295 
VAL HG13 H N N 296 
VAL HG21 H N N 297 
VAL HG22 H N N 298 
VAL HG23 H N N 299 
VAL HXT  H N N 300 
# 
loop_
_chem_comp_bond.comp_id 
_chem_comp_bond.atom_id_1 
_chem_comp_bond.atom_id_2 
_chem_comp_bond.value_order 
_chem_comp_bond.pdbx_aromatic_flag 
_chem_comp_bond.pdbx_stereo_config 
_chem_comp_bond.pdbx_ordinal 
ALA N   CA   sing N N 1   
ALA N   H    sing N N 2   
ALA N   H2   sing N N 3   
ALA CA  C    sing N N 4   
ALA CA  CB   sing N N 5   
ALA CA  HA   sing N N 6   
ALA C   O    doub N N 7   
ALA C   OXT  sing N N 8   
ALA CB  HB1  sing N N 9   
ALA CB  HB2  sing N N 10  
ALA CB  HB3  sing N N 11  
ALA OXT HXT  sing N N 12  
ARG N   CA   sing N N 13  
ARG N   H    sing N N 14  
ARG N   H2   sing N N 15  
ARG CA  C    sing N N 16  
ARG CA  CB   sing N N 17  
ARG CA  HA   sing N N 18  
ARG C   O    doub N N 19  
ARG C   OXT  sing N N 20  
ARG CB  CG   sing N N 21  
ARG CB  HB2  sing N N 22  
ARG CB  HB3  sing N N 23  
ARG CG  CD   sing N N 24  
ARG CG  HG2  sing N N 25  
ARG CG  HG3  sing N N 26  
ARG CD  NE   sing N N 27  
ARG CD  HD2  sing N N 28  
ARG CD  HD3  sing N N 29  
ARG NE  CZ   sing N N 30  
ARG NE  HE   sing N N 31  
ARG CZ  NH1  sing N N 32  
ARG CZ  NH2  doub N N 33  
ARG NH1 HH11 sing N N 34  
ARG NH1 HH12 sing N N 35  
ARG NH2 HH21 sing N N 36  
ARG NH2 HH22 sing N N 37  
ARG OXT HXT  sing N N 38  
ASN N   CA   sing N N 39  
ASN N   H    sing N N 40  
ASN N   H2   sing N N 41  
ASN CA  C    sing N N 42  
ASN CA  CB   sing N N 43  
ASN CA  HA   sing N N 44  
ASN C   O    doub N N 45  
ASN C   OXT  sing N N 46  
ASN CB  CG   sing N N 47  
ASN CB  HB2  sing N N 48  
ASN CB  HB3  sing N N 49  
ASN CG  OD1  doub N N 50  
ASN CG  ND2  sing N N 51  
ASN ND2 HD21 sing N N 52  
ASN ND2 HD22 sing N N 53  
ASN OXT HXT  sing N N 54  
ASP N   CA   sing N N 55  
ASP N   H    sing N N 56  
ASP N   H2   sing N N 57  
ASP CA  C    sing N N 58  
ASP CA  CB   sing N N 59  
ASP CA  HA   sing N N 60  
ASP C   O    doub N N 61  
ASP C   OXT  sing N N 62  
ASP CB  CG   sing N N 63  
ASP CB  HB2  sing N N 64  
ASP CB  HB3  sing N N 65  
ASP CG  OD1  doub N N 66  
ASP CG  OD2  sing N N 67  
ASP OD2 HD2  sing N N 68  
ASP OXT HXT  sing N N 69  
CYS N   CA   sing N N 70  
CYS N   H    sing N N 71  
CYS N   H2   sing N N 72  
CYS CA  C    sing N N 73  
CYS CA  CB   sing N N 74  
CYS CA  HA   sing N N 75  
CYS C   O    doub N N 76  
CYS C   OXT  sing N N 77  
CYS CB  SG   sing N N 78  
CYS CB  HB2  sing N N 79  
CYS CB  HB3  sing N N 80  
CYS SG  HG   sing N N 81  
CYS OXT HXT  sing N N 82  
GLN N   CA   sing N N 83  
GLN N   H    sing N N 84  
GLN N   H2   sing N N 85  
GLN CA  C    sing N N 86  
GLN CA  CB   sing N N 87  
GLN CA  HA   sing N N 88  
GLN C   O    doub N N 89  
GLN C   OXT  sing N N 90  
GLN CB  CG   sing N N 91  
GLN CB  HB2  sing N N 92  
GLN CB  HB3  sing N N 93  
GLN CG  CD   sing N N 94  
GLN CG  HG2  sing N N 95  
GLN CG  HG3  sing N N 96  
GLN CD  OE1  doub N N 97  
GLN CD  NE2  sing N N 98  
GLN NE2 HE21 sing N N 99  
GLN NE2 HE22 sing N N 100 
GLN OXT HXT  sing N N 101 
GLU N   CA   sing N N 102 
GLU N   H    sing N N 103 
GLU N   H2   sing N N 104 
GLU CA  C    sing N N 105 
GLU CA  CB   sing N N 106 
GLU CA  HA   sing N N 107 
GLU C   O    doub N N 108 
GLU C   OXT  sing N N 109 
GLU CB  CG   sing N N 110 
GLU CB  HB2  sing N N 111 
GLU CB  HB3  sing N N 112 
GLU CG  CD   sing N N 113 
GLU CG  HG2  sing N N 114 
GLU CG  HG3  sing N N 115 
GLU CD  OE1  doub N N 116 
GLU CD  OE2  sing N N 117 
GLU OE2 HE2  sing N N 118 
GLU OXT HXT  sing N N 119 
GLY N   CA   sing N N 120 
GLY N   H    sing N N 121 
GLY N   H2   sing N N 122 
GLY CA  C    sing N N 123 
GLY CA  HA2  sing N N 124 
GLY CA  HA3  sing N N 125 
GLY C   O    doub N N 126 
GLY C   OXT  sing N N 127 
GLY OXT HXT  sing N N 128 
ILE N   CA   sing N N 129 
ILE N   H    sing N N 130 
ILE N   H2   sing N N 131 
ILE CA  C    sing N N 132 
ILE CA  CB   sing N N 133 
ILE CA  HA   sing N N 134 
ILE C   O    doub N N 135 
ILE C   OXT  sing N N 136 
ILE CB  CG1  sing N N 137 
ILE CB  CG2  sing N N 138 
ILE CB  HB   sing N N 139 
ILE CG1 CD1  sing N N 140 
ILE CG1 HG12 sing N N 141 
ILE CG1 HG13 sing N N 142 
ILE CG2 HG21 sing N N 143 
ILE CG2 HG22 sing N N 144 
ILE CG2 HG23 sing N N 145 
ILE CD1 HD11 sing N N 146 
ILE CD1 HD12 sing N N 147 
ILE CD1 HD13 sing N N 148 
ILE OXT HXT  sing N N 149 
LYS N   CA   sing N N 150 
LYS N   H    sing N N 151 
LYS N   H2   sing N N 152 
LYS CA  C    sing N N 153 
LYS CA  CB   sing N N 154 
LYS CA  HA   sing N N 155 
LYS C   O    doub N N 156 
LYS C   OXT  sing N N 157 
LYS CB  CG   sing N N 158 
LYS CB  HB2  sing N N 159 
LYS CB  HB3  sing N N 160 
LYS CG  CD   sing N N 161 
LYS CG  HG2  sing N N 162 
LYS CG  HG3  sing N N 163 
LYS CD  CE   sing N N 164 
LYS CD  HD2  sing N N 165 
LYS CD  HD3  sing N N 166 
LYS CE  NZ   sing N N 167 
LYS CE  HE2  sing N N 168 
LYS CE  HE3  sing N N 169 
LYS NZ  HZ1  sing N N 170 
LYS NZ  HZ2  sing N N 171 
LYS NZ  HZ3  sing N N 172 
LYS OXT HXT  sing N N 173 
PHE N   CA   sing N N 174 
PHE N   H    sing N N 175 
PHE N   H2   sing N N 176 
PHE CA  C    sing N N 177 
PHE CA  CB   sing N N 178 
PHE CA  HA   sing N N 179 
PHE C   O    doub N N 180 
PHE C   OXT  sing N N 181 
PHE CB  CG   sing N N 182 
PHE CB  HB2  sing N N 183 
PHE CB  HB3  sing N N 184 
PHE CG  CD1  doub Y N 185 
PHE CG  CD2  sing Y N 186 
PHE CD1 CE1  sing Y N 187 
PHE CD1 HD1  sing N N 188 
PHE CD2 CE2  doub Y N 189 
PHE CD2 HD2  sing N N 190 
PHE CE1 CZ   doub Y N 191 
PHE CE1 HE1  sing N N 192 
PHE CE2 CZ   sing Y N 193 
PHE CE2 HE2  sing N N 194 
PHE CZ  HZ   sing N N 195 
PHE OXT HXT  sing N N 196 
PRO N   CA   sing N N 197 
PRO N   CD   sing N N 198 
PRO N   H    sing N N 199 
PRO CA  C    sing N N 200 
PRO CA  CB   sing N N 201 
PRO CA  HA   sing N N 202 
PRO C   O    doub N N 203 
PRO C   OXT  sing N N 204 
PRO CB  CG   sing N N 205 
PRO CB  HB2  sing N N 206 
PRO CB  HB3  sing N N 207 
PRO CG  CD   sing N N 208 
PRO CG  HG2  sing N N 209 
PRO CG  HG3  sing N N 210 
PRO CD  HD2  sing N N 211 
PRO CD  HD3  sing N N 212 
PRO OXT HXT  sing N N 213 
SER N   CA   sing N N 214 
SER N   H    sing N N 215 
SER N   H2   sing N N 216 
SER CA  C    sing N N 217 
SER CA  CB   sing N N 218 
SER CA  HA   sing N N 219 
SER C   O    doub N N 220 
SER C   OXT  sing N N 221 
SER CB  OG   sing N N 222 
SER CB  HB2  sing N N 223 
SER CB  HB3  sing N N 224 
SER OG  HG   sing N N 225 
SER OXT HXT  sing N N 226 
THR N   CA   sing N N 227 
THR N   H    sing N N 228 
THR N   H2   sing N N 229 
THR CA  C    sing N N 230 
THR CA  CB   sing N N 231 
THR CA  HA   sing N N 232 
THR C   O    doub N N 233 
THR C   OXT  sing N N 234 
THR CB  OG1  sing N N 235 
THR CB  CG2  sing N N 236 
THR CB  HB   sing N N 237 
THR OG1 HG1  sing N N 238 
THR CG2 HG21 sing N N 239 
THR CG2 HG22 sing N N 240 
THR CG2 HG23 sing N N 241 
THR OXT HXT  sing N N 242 
TRP N   CA   sing N N 243 
TRP N   H    sing N N 244 
TRP N   H2   sing N N 245 
TRP CA  C    sing N N 246 
TRP CA  CB   sing N N 247 
TRP CA  HA   sing N N 248 
TRP C   O    doub N N 249 
TRP C   OXT  sing N N 250 
TRP CB  CG   sing N N 251 
TRP CB  HB2  sing N N 252 
TRP CB  HB3  sing N N 253 
TRP CG  CD1  doub Y N 254 
TRP CG  CD2  sing Y N 255 
TRP CD1 NE1  sing Y N 256 
TRP CD1 HD1  sing N N 257 
TRP CD2 CE2  doub Y N 258 
TRP CD2 CE3  sing Y N 259 
TRP NE1 CE2  sing Y N 260 
TRP NE1 HE1  sing N N 261 
TRP CE2 CZ2  sing Y N 262 
TRP CE3 CZ3  doub Y N 263 
TRP CE3 HE3  sing N N 264 
TRP CZ2 CH2  doub Y N 265 
TRP CZ2 HZ2  sing N N 266 
TRP CZ3 CH2  sing Y N 267 
TRP CZ3 HZ3  sing N N 268 
TRP CH2 HH2  sing N N 269 
TRP OXT HXT  sing N N 270 
VAL N   CA   sing N N 271 
VAL N   H    sing N N 272 
VAL N   H2   sing N N 273 
VAL CA  C    sing N N 274 
VAL CA  CB   sing N N 275 
VAL CA  HA   sing N N 276 
VAL C   O    doub N N 277 
VAL C   OXT  sing N N 278 
VAL CB  CG1  sing N N 279 
VAL CB  CG2  sing N N 280 
VAL CB  HB   sing N N 281 
VAL CG1 HG11 sing N N 282 
VAL CG1 HG12 sing N N 283 
VAL CG1 HG13 sing N N 284 
VAL CG2 HG21 sing N N 285 
VAL CG2 HG22 sing N N 286 
VAL CG2 HG23 sing N N 287 
VAL OXT HXT  sing N N 288 
# 
_pdbx_nmr_spectrometer.spectrometer_id   1 
_pdbx_nmr_spectrometer.model             'UNITYPLUS 600' 
_pdbx_nmr_spectrometer.manufacturer      Varian 
_pdbx_nmr_spectrometer.field_strength    600 
_pdbx_nmr_spectrometer.type              ? 
# 
_atom_sites.entry_id                    1MKN 
_atom_sites.fract_transf_matrix[1][1]   1.000000 
_atom_sites.fract_transf_matrix[1][2]   0.000000 
_atom_sites.fract_transf_matrix[1][3]   0.000000 
_atom_sites.fract_transf_matrix[2][1]   0.000000 
_atom_sites.fract_transf_matrix[2][2]   1.000000 
_atom_sites.fract_transf_matrix[2][3]   0.000000 
_atom_sites.fract_transf_matrix[3][1]   0.000000 
_atom_sites.fract_transf_matrix[3][2]   0.000000 
_atom_sites.fract_transf_matrix[3][3]   1.000000 
_atom_sites.fract_transf_vector[1]      0.00000 
_atom_sites.fract_transf_vector[2]      0.00000 
_atom_sites.fract_transf_vector[3]      0.00000 
# 
loop_
_atom_type.symbol 
C 
H 
N 
O 
S 
# 
loop_
_atom_site.group_PDB 
_atom_site.id 
_atom_site.type_symbol 
_atom_site.label_atom_id 
_atom_site.label_alt_id 
_atom_site.label_comp_id 
_atom_site.label_asym_id 
_atom_site.label_entity_id 
_atom_site.label_seq_id 
_atom_site.pdbx_PDB_ins_code 
_atom_site.Cartn_x 
_atom_site.Cartn_y 
_atom_site.Cartn_z 
_atom_site.occupancy 
_atom_site.B_iso_or_equiv 
_atom_site.pdbx_formal_charge 
_atom_site.auth_seq_id 
_atom_site.auth_comp_id 
_atom_site.auth_asym_id 
_atom_site.auth_atom_id 
_atom_site.pdbx_PDB_model_num 
ATOM 1   N N    . LYS A 1 1  ? -5.521  18.442  -10.942 1.00 0.00 ? 1  LYS A N    1 
ATOM 2   C CA   . LYS A 1 1  ? -6.331  17.559  -10.056 1.00 0.00 ? 1  LYS A CA   1 
ATOM 3   C C    . LYS A 1 1  ? -5.714  16.159  -10.032 1.00 0.00 ? 1  LYS A C    1 
ATOM 4   O O    . LYS A 1 1  ? -6.403  15.164  -10.147 1.00 0.00 ? 1  LYS A O    1 
ATOM 5   C CB   . LYS A 1 1  ? -7.762  17.478  -10.587 1.00 0.00 ? 1  LYS A CB   1 
ATOM 6   C CG   . LYS A 1 1  ? -8.568  16.494  -9.737  1.00 0.00 ? 1  LYS A CG   1 
ATOM 7   C CD   . LYS A 1 1  ? -9.094  15.363  -10.624 1.00 0.00 ? 1  LYS A CD   1 
ATOM 8   C CE   . LYS A 1 1  ? -9.702  14.267  -9.748  1.00 0.00 ? 1  LYS A CE   1 
ATOM 9   N NZ   . LYS A 1 1  ? -8.929  14.159  -8.478  1.00 0.00 ? 1  LYS A NZ   1 
ATOM 10  H H1   . LYS A 1 1  ? -4.604  17.990  -11.138 1.00 0.00 ? 1  LYS A H1   1 
ATOM 11  H H2   . LYS A 1 1  ? -6.029  18.596  -11.836 1.00 0.00 ? 1  LYS A H2   1 
ATOM 12  H H3   . LYS A 1 1  ? -5.366  19.356  -10.474 1.00 0.00 ? 1  LYS A H3   1 
ATOM 13  H HA   . LYS A 1 1  ? -6.340  17.965  -9.056  1.00 0.00 ? 1  LYS A HA   1 
ATOM 14  H HB2  . LYS A 1 1  ? -8.220  18.455  -10.539 1.00 0.00 ? 1  LYS A HB2  1 
ATOM 15  H HB3  . LYS A 1 1  ? -7.749  17.137  -11.612 1.00 0.00 ? 1  LYS A HB3  1 
ATOM 16  H HG2  . LYS A 1 1  ? -7.934  16.082  -8.964  1.00 0.00 ? 1  LYS A HG2  1 
ATOM 17  H HG3  . LYS A 1 1  ? -9.402  17.009  -9.282  1.00 0.00 ? 1  LYS A HG3  1 
ATOM 18  H HD2  . LYS A 1 1  ? -9.849  15.752  -11.292 1.00 0.00 ? 1  LYS A HD2  1 
ATOM 19  H HD3  . LYS A 1 1  ? -8.280  14.950  -11.200 1.00 0.00 ? 1  LYS A HD3  1 
ATOM 20  H HE2  . LYS A 1 1  ? -10.728 14.513  -9.524  1.00 0.00 ? 1  LYS A HE2  1 
ATOM 21  H HE3  . LYS A 1 1  ? -9.664  13.323  -10.272 1.00 0.00 ? 1  LYS A HE3  1 
ATOM 22  H HZ1  . LYS A 1 1  ? -7.910  14.144  -8.692  1.00 0.00 ? 1  LYS A HZ1  1 
ATOM 23  H HZ2  . LYS A 1 1  ? -9.143  14.975  -7.871  1.00 0.00 ? 1  LYS A HZ2  1 
ATOM 24  H HZ3  . LYS A 1 1  ? -9.192  13.284  -7.984  1.00 0.00 ? 1  LYS A HZ3  1 
ATOM 25  N N    . LYS A 1 2  ? -4.421  16.073  -9.881  1.00 0.00 ? 2  LYS A N    1 
ATOM 26  C CA   . LYS A 1 2  ? -3.761  14.737  -9.848  1.00 0.00 ? 2  LYS A CA   1 
ATOM 27  C C    . LYS A 1 2  ? -2.672  14.735  -8.774  1.00 0.00 ? 2  LYS A C    1 
ATOM 28  O O    . LYS A 1 2  ? -1.566  15.189  -8.994  1.00 0.00 ? 2  LYS A O    1 
ATOM 29  C CB   . LYS A 1 2  ? -3.134  14.442  -11.211 1.00 0.00 ? 2  LYS A CB   1 
ATOM 30  C CG   . LYS A 1 2  ? -2.834  12.947  -11.325 1.00 0.00 ? 2  LYS A CG   1 
ATOM 31  C CD   . LYS A 1 2  ? -4.010  12.240  -12.002 1.00 0.00 ? 2  LYS A CD   1 
ATOM 32  C CE   . LYS A 1 2  ? -4.428  11.029  -11.167 1.00 0.00 ? 2  LYS A CE   1 
ATOM 33  N NZ   . LYS A 1 2  ? -5.880  10.764  -11.369 1.00 0.00 ? 2  LYS A NZ   1 
ATOM 34  H H    . LYS A 1 2  ? -3.883  16.886  -9.788  1.00 0.00 ? 2  LYS A H    1 
ATOM 35  H HA   . LYS A 1 2  ? -4.495  13.979  -9.617  1.00 0.00 ? 2  LYS A HA   1 
ATOM 36  H HB2  . LYS A 1 2  ? -3.821  14.734  -11.994 1.00 0.00 ? 2  LYS A HB2  1 
ATOM 37  H HB3  . LYS A 1 2  ? -2.215  15.001  -11.314 1.00 0.00 ? 2  LYS A HB3  1 
ATOM 38  H HG2  . LYS A 1 2  ? -1.939  12.803  -11.914 1.00 0.00 ? 2  LYS A HG2  1 
ATOM 39  H HG3  . LYS A 1 2  ? -2.688  12.533  -10.339 1.00 0.00 ? 2  LYS A HG3  1 
ATOM 40  H HD2  . LYS A 1 2  ? -4.840  12.925  -12.086 1.00 0.00 ? 2  LYS A HD2  1 
ATOM 41  H HD3  . LYS A 1 2  ? -3.714  11.911  -12.986 1.00 0.00 ? 2  LYS A HD3  1 
ATOM 42  H HE2  . LYS A 1 2  ? -3.858  10.165  -11.474 1.00 0.00 ? 2  LYS A HE2  1 
ATOM 43  H HE3  . LYS A 1 2  ? -4.240  11.230  -10.122 1.00 0.00 ? 2  LYS A HE3  1 
ATOM 44  H HZ1  . LYS A 1 2  ? -6.249  11.396  -12.106 1.00 0.00 ? 2  LYS A HZ1  1 
ATOM 45  H HZ2  . LYS A 1 2  ? -6.014  9.774   -11.661 1.00 0.00 ? 2  LYS A HZ2  1 
ATOM 46  H HZ3  . LYS A 1 2  ? -6.392  10.935  -10.479 1.00 0.00 ? 2  LYS A HZ3  1 
ATOM 47  N N    . LYS A 1 3  ? -2.976  14.228  -7.610  1.00 0.00 ? 3  LYS A N    1 
ATOM 48  C CA   . LYS A 1 3  ? -1.960  14.196  -6.521  1.00 0.00 ? 3  LYS A CA   1 
ATOM 49  C C    . LYS A 1 3  ? -1.234  12.850  -6.544  1.00 0.00 ? 3  LYS A C    1 
ATOM 50  O O    . LYS A 1 3  ? -1.056  12.214  -5.525  1.00 0.00 ? 3  LYS A O    1 
ATOM 51  C CB   . LYS A 1 3  ? -2.649  14.373  -5.164  1.00 0.00 ? 3  LYS A CB   1 
ATOM 52  C CG   . LYS A 1 3  ? -3.803  15.373  -5.291  1.00 0.00 ? 3  LYS A CG   1 
ATOM 53  C CD   . LYS A 1 3  ? -4.762  15.196  -4.113  1.00 0.00 ? 3  LYS A CD   1 
ATOM 54  C CE   . LYS A 1 3  ? -6.031  14.483  -4.587  1.00 0.00 ? 3  LYS A CE   1 
ATOM 55  N NZ   . LYS A 1 3  ? -5.665  13.375  -5.514  1.00 0.00 ? 3  LYS A NZ   1 
ATOM 56  H H    . LYS A 1 3  ? -3.873  13.867  -7.452  1.00 0.00 ? 3  LYS A H    1 
ATOM 57  H HA   . LYS A 1 3  ? -1.246  14.993  -6.669  1.00 0.00 ? 3  LYS A HA   1 
ATOM 58  H HB2  . LYS A 1 3  ? -3.036  13.419  -4.832  1.00 0.00 ? 3  LYS A HB2  1 
ATOM 59  H HB3  . LYS A 1 3  ? -1.936  14.740  -4.444  1.00 0.00 ? 3  LYS A HB3  1 
ATOM 60  H HG2  . LYS A 1 3  ? -3.408  16.378  -5.287  1.00 0.00 ? 3  LYS A HG2  1 
ATOM 61  H HG3  . LYS A 1 3  ? -4.334  15.199  -6.214  1.00 0.00 ? 3  LYS A HG3  1 
ATOM 62  H HD2  . LYS A 1 3  ? -4.283  14.605  -3.345  1.00 0.00 ? 3  LYS A HD2  1 
ATOM 63  H HD3  . LYS A 1 3  ? -5.023  16.163  -3.712  1.00 0.00 ? 3  LYS A HD3  1 
ATOM 64  H HE2  . LYS A 1 3  ? -6.557  14.080  -3.734  1.00 0.00 ? 3  LYS A HE2  1 
ATOM 65  H HE3  . LYS A 1 3  ? -6.668  15.188  -5.102  1.00 0.00 ? 3  LYS A HE3  1 
ATOM 66  H HZ1  . LYS A 1 3  ? -4.798  12.910  -5.173  1.00 0.00 ? 3  LYS A HZ1  1 
ATOM 67  H HZ2  . LYS A 1 3  ? -6.439  12.681  -5.547  1.00 0.00 ? 3  LYS A HZ2  1 
ATOM 68  H HZ3  . LYS A 1 3  ? -5.504  13.757  -6.466  1.00 0.00 ? 3  LYS A HZ3  1 
ATOM 69  N N    . ASP A 1 4  ? -0.820  12.407  -7.701  1.00 0.00 ? 4  ASP A N    1 
ATOM 70  C CA   . ASP A 1 4  ? -0.111  11.100  -7.783  1.00 0.00 ? 4  ASP A CA   1 
ATOM 71  C C    . ASP A 1 4  ? -0.855  10.072  -6.930  1.00 0.00 ? 4  ASP A C    1 
ATOM 72  O O    . ASP A 1 4  ? -0.259  9.331   -6.174  1.00 0.00 ? 4  ASP A O    1 
ATOM 73  C CB   . ASP A 1 4  ? 1.318   11.258  -7.262  1.00 0.00 ? 4  ASP A CB   1 
ATOM 74  C CG   . ASP A 1 4  ? 2.070   12.265  -8.135  1.00 0.00 ? 4  ASP A CG   1 
ATOM 75  O OD1  . ASP A 1 4  ? 2.402   11.914  -9.256  1.00 0.00 ? 4  ASP A OD1  1 
ATOM 76  O OD2  . ASP A 1 4  ? 2.299   13.368  -7.671  1.00 0.00 ? 4  ASP A OD2  1 
ATOM 77  H H    . ASP A 1 4  ? -0.976  12.934  -8.511  1.00 0.00 ? 4  ASP A H    1 
ATOM 78  H HA   . ASP A 1 4  ? -0.087  10.767  -8.811  1.00 0.00 ? 4  ASP A HA   1 
ATOM 79  H HB2  . ASP A 1 4  ? 1.292   11.616  -6.243  1.00 0.00 ? 4  ASP A HB2  1 
ATOM 80  H HB3  . ASP A 1 4  ? 1.823   10.305  -7.298  1.00 0.00 ? 4  ASP A HB3  1 
ATOM 81  N N    . LYS A 1 5  ? -2.154  10.029  -7.041  1.00 0.00 ? 5  LYS A N    1 
ATOM 82  C CA   . LYS A 1 5  ? -2.945  9.058   -6.234  1.00 0.00 ? 5  LYS A CA   1 
ATOM 83  C C    . LYS A 1 5  ? -2.312  7.668   -6.320  1.00 0.00 ? 5  LYS A C    1 
ATOM 84  O O    . LYS A 1 5  ? -2.629  6.884   -7.193  1.00 0.00 ? 5  LYS A O    1 
ATOM 85  C CB   . LYS A 1 5  ? -4.376  8.998   -6.773  1.00 0.00 ? 5  LYS A CB   1 
ATOM 86  C CG   . LYS A 1 5  ? -4.348  8.644   -8.262  1.00 0.00 ? 5  LYS A CG   1 
ATOM 87  C CD   . LYS A 1 5  ? -5.675  9.043   -8.909  1.00 0.00 ? 5  LYS A CD   1 
ATOM 88  C CE   . LYS A 1 5  ? -6.739  7.998   -8.571  1.00 0.00 ? 5  LYS A CE   1 
ATOM 89  N NZ   . LYS A 1 5  ? -8.084  8.640   -8.583  1.00 0.00 ? 5  LYS A NZ   1 
ATOM 90  H H    . LYS A 1 5  ? -2.611  10.641  -7.655  1.00 0.00 ? 5  LYS A H    1 
ATOM 91  H HA   . LYS A 1 5  ? -2.965  9.380   -5.204  1.00 0.00 ? 5  LYS A HA   1 
ATOM 92  H HB2  . LYS A 1 5  ? -4.933  8.243   -6.234  1.00 0.00 ? 5  LYS A HB2  1 
ATOM 93  H HB3  . LYS A 1 5  ? -4.853  9.957   -6.642  1.00 0.00 ? 5  LYS A HB3  1 
ATOM 94  H HG2  . LYS A 1 5  ? -3.538  9.175   -8.742  1.00 0.00 ? 5  LYS A HG2  1 
ATOM 95  H HG3  . LYS A 1 5  ? -4.200  7.581   -8.377  1.00 0.00 ? 5  LYS A HG3  1 
ATOM 96  H HD2  . LYS A 1 5  ? -5.982  10.007  -8.532  1.00 0.00 ? 5  LYS A HD2  1 
ATOM 97  H HD3  . LYS A 1 5  ? -5.552  9.095   -9.979  1.00 0.00 ? 5  LYS A HD3  1 
ATOM 98  H HE2  . LYS A 1 5  ? -6.711  7.206   -9.304  1.00 0.00 ? 5  LYS A HE2  1 
ATOM 99  H HE3  . LYS A 1 5  ? -6.545  7.588   -7.591  1.00 0.00 ? 5  LYS A HE3  1 
ATOM 100 H HZ1  . LYS A 1 5  ? -8.108  9.408   -7.883  1.00 0.00 ? 5  LYS A HZ1  1 
ATOM 101 H HZ2  . LYS A 1 5  ? -8.275  9.025   -9.531  1.00 0.00 ? 5  LYS A HZ2  1 
ATOM 102 H HZ3  . LYS A 1 5  ? -8.809  7.933   -8.343  1.00 0.00 ? 5  LYS A HZ3  1 
ATOM 103 N N    . VAL A 1 6  ? -1.426  7.351   -5.417  1.00 0.00 ? 6  VAL A N    1 
ATOM 104 C CA   . VAL A 1 6  ? -0.789  6.006   -5.450  1.00 0.00 ? 6  VAL A CA   1 
ATOM 105 C C    . VAL A 1 6  ? -1.762  4.985   -4.858  1.00 0.00 ? 6  VAL A C    1 
ATOM 106 O O    . VAL A 1 6  ? -1.623  3.792   -5.040  1.00 0.00 ? 6  VAL A O    1 
ATOM 107 C CB   . VAL A 1 6  ? 0.520   6.040   -4.653  1.00 0.00 ? 6  VAL A CB   1 
ATOM 108 C CG1  . VAL A 1 6  ? 0.311   6.825   -3.359  1.00 0.00 ? 6  VAL A CG1  1 
ATOM 109 C CG2  . VAL A 1 6  ? 0.973   4.615   -4.323  1.00 0.00 ? 6  VAL A CG2  1 
ATOM 110 H H    . VAL A 1 6  ? -1.188  7.992   -4.717  1.00 0.00 ? 6  VAL A H    1 
ATOM 111 H HA   . VAL A 1 6  ? -0.585  5.741   -6.470  1.00 0.00 ? 6  VAL A HA   1 
ATOM 112 H HB   . VAL A 1 6  ? 1.282   6.530   -5.244  1.00 0.00 ? 6  VAL A HB   1 
ATOM 113 H HG11 . VAL A 1 6  ? -0.685  6.643   -2.986  1.00 0.00 ? 6  VAL A HG11 1 
ATOM 114 H HG12 . VAL A 1 6  ? 1.036   6.507   -2.623  1.00 0.00 ? 6  VAL A HG12 1 
ATOM 115 H HG13 . VAL A 1 6  ? 0.437   7.881   -3.553  1.00 0.00 ? 6  VAL A HG13 1 
ATOM 116 H HG21 . VAL A 1 6  ? 0.139   4.047   -3.937  1.00 0.00 ? 6  VAL A HG21 1 
ATOM 117 H HG22 . VAL A 1 6  ? 1.348   4.140   -5.218  1.00 0.00 ? 6  VAL A HG22 1 
ATOM 118 H HG23 . VAL A 1 6  ? 1.755   4.650   -3.579  1.00 0.00 ? 6  VAL A HG23 1 
ATOM 119 N N    . LYS A 1 7  ? -2.768  5.459   -4.183  1.00 0.00 ? 7  LYS A N    1 
ATOM 120 C CA   . LYS A 1 7  ? -3.793  4.543   -3.602  1.00 0.00 ? 7  LYS A CA   1 
ATOM 121 C C    . LYS A 1 7  ? -4.770  4.166   -4.715  1.00 0.00 ? 7  LYS A C    1 
ATOM 122 O O    . LYS A 1 7  ? -5.389  5.020   -5.315  1.00 0.00 ? 7  LYS A O    1 
ATOM 123 C CB   . LYS A 1 7  ? -4.552  5.266   -2.482  1.00 0.00 ? 7  LYS A CB   1 
ATOM 124 C CG   . LYS A 1 7  ? -5.501  6.302   -3.088  1.00 0.00 ? 7  LYS A CG   1 
ATOM 125 C CD   . LYS A 1 7  ? -5.863  7.340   -2.022  1.00 0.00 ? 7  LYS A CD   1 
ATOM 126 C CE   . LYS A 1 7  ? -6.822  8.373   -2.618  1.00 0.00 ? 7  LYS A CE   1 
ATOM 127 N NZ   . LYS A 1 7  ? -8.176  7.767   -2.767  1.00 0.00 ? 7  LYS A NZ   1 
ATOM 128 H H    . LYS A 1 7  ? -2.864  6.425   -4.082  1.00 0.00 ? 7  LYS A H    1 
ATOM 129 H HA   . LYS A 1 7  ? -3.320  3.645   -3.201  1.00 0.00 ? 7  LYS A HA   1 
ATOM 130 H HB2  . LYS A 1 7  ? -5.121  4.546   -1.912  1.00 0.00 ? 7  LYS A HB2  1 
ATOM 131 H HB3  . LYS A 1 7  ? -3.848  5.764   -1.834  1.00 0.00 ? 7  LYS A HB3  1 
ATOM 132 H HG2  . LYS A 1 7  ? -5.016  6.793   -3.919  1.00 0.00 ? 7  LYS A HG2  1 
ATOM 133 H HG3  . LYS A 1 7  ? -6.399  5.812   -3.432  1.00 0.00 ? 7  LYS A HG3  1 
ATOM 134 H HD2  . LYS A 1 7  ? -6.339  6.846   -1.187  1.00 0.00 ? 7  LYS A HD2  1 
ATOM 135 H HD3  . LYS A 1 7  ? -4.967  7.837   -1.685  1.00 0.00 ? 7  LYS A HD3  1 
ATOM 136 H HE2  . LYS A 1 7  ? -6.882  9.228   -1.962  1.00 0.00 ? 7  LYS A HE2  1 
ATOM 137 H HE3  . LYS A 1 7  ? -6.458  8.685   -3.585  1.00 0.00 ? 7  LYS A HE3  1 
ATOM 138 H HZ1  . LYS A 1 7  ? -8.118  6.743   -2.600  1.00 0.00 ? 7  LYS A HZ1  1 
ATOM 139 H HZ2  . LYS A 1 7  ? -8.825  8.198   -2.079  1.00 0.00 ? 7  LYS A HZ2  1 
ATOM 140 H HZ3  . LYS A 1 7  ? -8.528  7.938   -3.731  1.00 0.00 ? 7  LYS A HZ3  1 
ATOM 141 N N    . LYS A 1 8  ? -4.893  2.903   -5.001  1.00 0.00 ? 8  LYS A N    1 
ATOM 142 C CA   . LYS A 1 8  ? -5.817  2.445   -6.083  1.00 0.00 ? 8  LYS A CA   1 
ATOM 143 C C    . LYS A 1 8  ? -5.454  3.117   -7.408  1.00 0.00 ? 8  LYS A C    1 
ATOM 144 O O    . LYS A 1 8  ? -4.919  4.207   -7.443  1.00 0.00 ? 8  LYS A O    1 
ATOM 145 C CB   . LYS A 1 8  ? -7.284  2.738   -5.702  1.00 0.00 ? 8  LYS A CB   1 
ATOM 146 C CG   . LYS A 1 8  ? -7.669  4.192   -6.017  1.00 0.00 ? 8  LYS A CG   1 
ATOM 147 C CD   . LYS A 1 8  ? -9.165  4.261   -6.332  1.00 0.00 ? 8  LYS A CD   1 
ATOM 148 C CE   . LYS A 1 8  ? -9.410  3.782   -7.764  1.00 0.00 ? 8  LYS A CE   1 
ATOM 149 N NZ   . LYS A 1 8  ? -10.633 2.930   -7.800  1.00 0.00 ? 8  LYS A NZ   1 
ATOM 150 H H    . LYS A 1 8  ? -4.367  2.242   -4.503  1.00 0.00 ? 8  LYS A H    1 
ATOM 151 H HA   . LYS A 1 8  ? -5.698  1.380   -6.202  1.00 0.00 ? 8  LYS A HA   1 
ATOM 152 H HB2  . LYS A 1 8  ? -7.931  2.075   -6.256  1.00 0.00 ? 8  LYS A HB2  1 
ATOM 153 H HB3  . LYS A 1 8  ? -7.417  2.558   -4.646  1.00 0.00 ? 8  LYS A HB3  1 
ATOM 154 H HG2  . LYS A 1 8  ? -7.456  4.812   -5.159  1.00 0.00 ? 8  LYS A HG2  1 
ATOM 155 H HG3  . LYS A 1 8  ? -7.111  4.547   -6.866  1.00 0.00 ? 8  LYS A HG3  1 
ATOM 156 H HD2  . LYS A 1 8  ? -9.707  3.631   -5.641  1.00 0.00 ? 8  LYS A HD2  1 
ATOM 157 H HD3  . LYS A 1 8  ? -9.506  5.281   -6.233  1.00 0.00 ? 8  LYS A HD3  1 
ATOM 158 H HE2  . LYS A 1 8  ? -9.548  4.635   -8.411  1.00 0.00 ? 8  LYS A HE2  1 
ATOM 159 H HE3  . LYS A 1 8  ? -8.561  3.206   -8.102  1.00 0.00 ? 8  LYS A HE3  1 
ATOM 160 H HZ1  . LYS A 1 8  ? -11.430 3.448   -7.380  1.00 0.00 ? 8  LYS A HZ1  1 
ATOM 161 H HZ2  . LYS A 1 8  ? -10.860 2.691   -8.786  1.00 0.00 ? 8  LYS A HZ2  1 
ATOM 162 H HZ3  . LYS A 1 8  ? -10.462 2.056   -7.260  1.00 0.00 ? 8  LYS A HZ3  1 
ATOM 163 N N    . GLY A 1 9  ? -5.738  2.462   -8.501  1.00 0.00 ? 9  GLY A N    1 
ATOM 164 C CA   . GLY A 1 9  ? -5.408  3.043   -9.832  1.00 0.00 ? 9  GLY A CA   1 
ATOM 165 C C    . GLY A 1 9  ? -4.950  1.920   -10.765 1.00 0.00 ? 9  GLY A C    1 
ATOM 166 O O    . GLY A 1 9  ? -4.864  2.091   -11.966 1.00 0.00 ? 9  GLY A O    1 
ATOM 167 H H    . GLY A 1 9  ? -6.163  1.582   -8.445  1.00 0.00 ? 9  GLY A H    1 
ATOM 168 H HA2  . GLY A 1 9  ? -6.285  3.521   -10.243 1.00 0.00 ? 9  GLY A HA2  1 
ATOM 169 H HA3  . GLY A 1 9  ? -4.614  3.766   -9.726  1.00 0.00 ? 9  GLY A HA3  1 
ATOM 170 N N    . GLY A 1 10 ? -4.656  0.771   -10.219 1.00 0.00 ? 10 GLY A N    1 
ATOM 171 C CA   . GLY A 1 10 ? -4.205  -0.369  -11.067 1.00 0.00 ? 10 GLY A CA   1 
ATOM 172 C C    . GLY A 1 10 ? -3.941  -1.587  -10.177 1.00 0.00 ? 10 GLY A C    1 
ATOM 173 O O    . GLY A 1 10 ? -3.474  -1.451  -9.064  1.00 0.00 ? 10 GLY A O    1 
ATOM 174 H H    . GLY A 1 10 ? -4.732  0.656   -9.250  1.00 0.00 ? 10 GLY A H    1 
ATOM 175 H HA2  . GLY A 1 10 ? -4.973  -0.603  -11.789 1.00 0.00 ? 10 GLY A HA2  1 
ATOM 176 H HA3  . GLY A 1 10 ? -3.296  -0.100  -11.582 1.00 0.00 ? 10 GLY A HA3  1 
ATOM 177 N N    . PRO A 1 11 ? -4.253  -2.747  -10.697 1.00 0.00 ? 11 PRO A N    1 
ATOM 178 C CA   . PRO A 1 11 ? -4.065  -4.018  -9.975  1.00 0.00 ? 11 PRO A CA   1 
ATOM 179 C C    . PRO A 1 11 ? -2.594  -4.444  -10.014 1.00 0.00 ? 11 PRO A C    1 
ATOM 180 O O    . PRO A 1 11 ? -1.810  -4.081  -9.160  1.00 0.00 ? 11 PRO A O    1 
ATOM 181 C CB   . PRO A 1 11 ? -4.942  -5.003  -10.751 1.00 0.00 ? 11 PRO A CB   1 
ATOM 182 C CG   . PRO A 1 11 ? -5.121  -4.404  -12.168 1.00 0.00 ? 11 PRO A CG   1 
ATOM 183 C CD   . PRO A 1 11 ? -4.819  -2.898  -12.050 1.00 0.00 ? 11 PRO A CD   1 
ATOM 184 H HA   . PRO A 1 11 ? -4.413  -3.935  -8.959  1.00 0.00 ? 11 PRO A HA   1 
ATOM 185 H HB2  . PRO A 1 11 ? -4.455  -5.966  -10.811 1.00 0.00 ? 11 PRO A HB2  1 
ATOM 186 H HB3  . PRO A 1 11 ? -5.905  -5.101  -10.274 1.00 0.00 ? 11 PRO A HB3  1 
ATOM 187 H HG2  . PRO A 1 11 ? -4.431  -4.871  -12.857 1.00 0.00 ? 11 PRO A HG2  1 
ATOM 188 H HG3  . PRO A 1 11 ? -6.136  -4.546  -12.505 1.00 0.00 ? 11 PRO A HG3  1 
ATOM 189 H HD2  . PRO A 1 11 ? -4.101  -2.597  -12.801 1.00 0.00 ? 11 PRO A HD2  1 
ATOM 190 H HD3  . PRO A 1 11 ? -5.726  -2.320  -12.141 1.00 0.00 ? 11 PRO A HD3  1 
ATOM 191 N N    . GLY A 1 12 ? -2.213  -5.213  -10.999 1.00 0.00 ? 12 GLY A N    1 
ATOM 192 C CA   . GLY A 1 12 ? -0.794  -5.660  -11.090 1.00 0.00 ? 12 GLY A CA   1 
ATOM 193 C C    . GLY A 1 12 ? -0.514  -6.710  -10.014 1.00 0.00 ? 12 GLY A C    1 
ATOM 194 O O    . GLY A 1 12 ? -0.212  -6.386  -8.882  1.00 0.00 ? 12 GLY A O    1 
ATOM 195 H H    . GLY A 1 12 ? -2.860  -5.495  -11.679 1.00 0.00 ? 12 GLY A H    1 
ATOM 196 H HA2  . GLY A 1 12 ? -0.614  -6.087  -12.067 1.00 0.00 ? 12 GLY A HA2  1 
ATOM 197 H HA3  . GLY A 1 12 ? -0.140  -4.815  -10.942 1.00 0.00 ? 12 GLY A HA3  1 
ATOM 198 N N    . SER A 1 13 ? -0.611  -7.966  -10.356 1.00 0.00 ? 13 SER A N    1 
ATOM 199 C CA   . SER A 1 13 ? -0.350  -9.035  -9.352  1.00 0.00 ? 13 SER A CA   1 
ATOM 200 C C    . SER A 1 13 ? 0.693   -10.009 -9.906  1.00 0.00 ? 13 SER A C    1 
ATOM 201 O O    . SER A 1 13 ? 0.548   -10.537 -10.991 1.00 0.00 ? 13 SER A O    1 
ATOM 202 C CB   . SER A 1 13 ? -1.648  -9.788  -9.060  1.00 0.00 ? 13 SER A CB   1 
ATOM 203 O OG   . SER A 1 13 ? -2.077  -10.457 -10.240 1.00 0.00 ? 13 SER A OG   1 
ATOM 204 H H    . SER A 1 13 ? -0.855  -8.206  -11.274 1.00 0.00 ? 13 SER A H    1 
ATOM 205 H HA   . SER A 1 13 ? 0.021   -8.591  -8.440  1.00 0.00 ? 13 SER A HA   1 
ATOM 206 H HB2  . SER A 1 13 ? -1.481  -10.515 -8.283  1.00 0.00 ? 13 SER A HB2  1 
ATOM 207 H HB3  . SER A 1 13 ? -2.405  -9.087  -8.737  1.00 0.00 ? 13 SER A HB3  1 
ATOM 208 H HG   . SER A 1 13 ? -2.668  -9.870  -10.716 1.00 0.00 ? 13 SER A HG   1 
ATOM 209 N N    . GLU A 1 14 ? 1.745   -10.253 -9.170  1.00 0.00 ? 14 GLU A N    1 
ATOM 210 C CA   . GLU A 1 14 ? 2.793   -11.190 -9.657  1.00 0.00 ? 14 GLU A CA   1 
ATOM 211 C C    . GLU A 1 14 ? 3.806   -11.447 -8.538  1.00 0.00 ? 14 GLU A C    1 
ATOM 212 O O    . GLU A 1 14 ? 4.102   -10.576 -7.744  1.00 0.00 ? 14 GLU A O    1 
ATOM 213 C CB   . GLU A 1 14 ? 3.507   -10.575 -10.862 1.00 0.00 ? 14 GLU A CB   1 
ATOM 214 C CG   . GLU A 1 14 ? 3.086   -11.311 -12.135 1.00 0.00 ? 14 GLU A CG   1 
ATOM 215 C CD   . GLU A 1 14 ? 2.184   -10.403 -12.974 1.00 0.00 ? 14 GLU A CD   1 
ATOM 216 O OE1  . GLU A 1 14 ? 2.458   -9.214  -13.028 1.00 0.00 ? 14 GLU A OE1  1 
ATOM 217 O OE2  . GLU A 1 14 ? 1.236   -10.911 -13.549 1.00 0.00 ? 14 GLU A OE2  1 
ATOM 218 H H    . GLU A 1 14 ? 1.844   -9.818  -8.298  1.00 0.00 ? 14 GLU A H    1 
ATOM 219 H HA   . GLU A 1 14 ? 2.334   -12.124 -9.949  1.00 0.00 ? 14 GLU A HA   1 
ATOM 220 H HB2  . GLU A 1 14 ? 3.242   -9.531  -10.942 1.00 0.00 ? 14 GLU A HB2  1 
ATOM 221 H HB3  . GLU A 1 14 ? 4.576   -10.666 -10.734 1.00 0.00 ? 14 GLU A HB3  1 
ATOM 222 H HG2  . GLU A 1 14 ? 3.965   -11.574 -12.706 1.00 0.00 ? 14 GLU A HG2  1 
ATOM 223 H HG3  . GLU A 1 14 ? 2.545   -12.206 -11.871 1.00 0.00 ? 14 GLU A HG3  1 
ATOM 224 N N    . CYS A 1 15 ? 4.336   -12.636 -8.473  1.00 0.00 ? 15 CYS A N    1 
ATOM 225 C CA   . CYS A 1 15 ? 5.329   -12.957 -7.408  1.00 0.00 ? 15 CYS A CA   1 
ATOM 226 C C    . CYS A 1 15 ? 4.662   -12.851 -6.034  1.00 0.00 ? 15 CYS A C    1 
ATOM 227 O O    . CYS A 1 15 ? 4.837   -11.880 -5.325  1.00 0.00 ? 15 CYS A O    1 
ATOM 228 C CB   . CYS A 1 15 ? 6.500   -11.969 -7.473  1.00 0.00 ? 15 CYS A CB   1 
ATOM 229 S SG   . CYS A 1 15 ? 7.784   -12.607 -8.569  1.00 0.00 ? 15 CYS A SG   1 
ATOM 230 H H    . CYS A 1 15 ? 4.079   -13.320 -9.124  1.00 0.00 ? 15 CYS A H    1 
ATOM 231 H HA   . CYS A 1 15 ? 5.698   -13.961 -7.552  1.00 0.00 ? 15 CYS A HA   1 
ATOM 232 H HB2  . CYS A 1 15 ? 6.157   -11.016 -7.848  1.00 0.00 ? 15 CYS A HB2  1 
ATOM 233 H HB3  . CYS A 1 15 ? 6.912   -11.840 -6.485  1.00 0.00 ? 15 CYS A HB3  1 
ATOM 234 N N    . ALA A 1 16 ? 3.903   -13.842 -5.644  1.00 0.00 ? 16 ALA A N    1 
ATOM 235 C CA   . ALA A 1 16 ? 3.243   -13.782 -4.309  1.00 0.00 ? 16 ALA A CA   1 
ATOM 236 C C    . ALA A 1 16 ? 4.268   -13.331 -3.277  1.00 0.00 ? 16 ALA A C    1 
ATOM 237 O O    . ALA A 1 16 ? 4.089   -12.327 -2.619  1.00 0.00 ? 16 ALA A O    1 
ATOM 238 C CB   . ALA A 1 16 ? 2.699   -15.161 -3.934  1.00 0.00 ? 16 ALA A CB   1 
ATOM 239 H H    . ALA A 1 16 ? 3.774   -14.622 -6.223  1.00 0.00 ? 16 ALA A H    1 
ATOM 240 H HA   . ALA A 1 16 ? 2.436   -13.063 -4.336  1.00 0.00 ? 16 ALA A HA   1 
ATOM 241 H HB1  . ALA A 1 16 ? 3.149   -15.910 -4.568  1.00 0.00 ? 16 ALA A HB1  1 
ATOM 242 H HB2  . ALA A 1 16 ? 2.935   -15.372 -2.902  1.00 0.00 ? 16 ALA A HB2  1 
ATOM 243 H HB3  . ALA A 1 16 ? 1.626   -15.174 -4.067  1.00 0.00 ? 16 ALA A HB3  1 
ATOM 244 N N    . GLU A 1 17 ? 5.358   -14.037 -3.150  1.00 0.00 ? 17 GLU A N    1 
ATOM 245 C CA   . GLU A 1 17 ? 6.389   -13.589 -2.181  1.00 0.00 ? 17 GLU A CA   1 
ATOM 246 C C    . GLU A 1 17 ? 6.684   -12.143 -2.513  1.00 0.00 ? 17 GLU A C    1 
ATOM 247 O O    . GLU A 1 17 ? 6.039   -11.241 -2.022  1.00 0.00 ? 17 GLU A O    1 
ATOM 248 C CB   . GLU A 1 17 ? 7.656   -14.435 -2.330  1.00 0.00 ? 17 GLU A CB   1 
ATOM 249 C CG   . GLU A 1 17 ? 7.442   -15.793 -1.659  1.00 0.00 ? 17 GLU A CG   1 
ATOM 250 C CD   . GLU A 1 17 ? 8.751   -16.586 -1.679  1.00 0.00 ? 17 GLU A CD   1 
ATOM 251 O OE1  . GLU A 1 17 ? 9.695   -16.117 -2.293  1.00 0.00 ? 17 GLU A OE1  1 
ATOM 252 O OE2  . GLU A 1 17 ? 8.787   -17.648 -1.080  1.00 0.00 ? 17 GLU A OE2  1 
ATOM 253 H H    . GLU A 1 17 ? 5.507   -14.828 -3.707  1.00 0.00 ? 17 GLU A H    1 
ATOM 254 H HA   . GLU A 1 17 ? 6.011   -13.655 -1.180  1.00 0.00 ? 17 GLU A HA   1 
ATOM 255 H HB2  . GLU A 1 17 ? 7.871   -14.580 -3.379  1.00 0.00 ? 17 GLU A HB2  1 
ATOM 256 H HB3  . GLU A 1 17 ? 8.484   -13.930 -1.859  1.00 0.00 ? 17 GLU A HB3  1 
ATOM 257 H HG2  . GLU A 1 17 ? 7.128   -15.643 -0.637  1.00 0.00 ? 17 GLU A HG2  1 
ATOM 258 H HG3  . GLU A 1 17 ? 6.683   -16.344 -2.193  1.00 0.00 ? 17 GLU A HG3  1 
ATOM 259 N N    . TRP A 1 18 ? 7.612   -11.920 -3.386  1.00 0.00 ? 18 TRP A N    1 
ATOM 260 C CA   . TRP A 1 18 ? 7.905   -10.528 -3.803  1.00 0.00 ? 18 TRP A CA   1 
ATOM 261 C C    . TRP A 1 18 ? 8.271   -9.680  -2.584  1.00 0.00 ? 18 TRP A C    1 
ATOM 262 O O    . TRP A 1 18 ? 7.509   -9.575  -1.651  1.00 0.00 ? 18 TRP A O    1 
ATOM 263 C CB   . TRP A 1 18 ? 6.623   -9.968  -4.463  1.00 0.00 ? 18 TRP A CB   1 
ATOM 264 C CG   . TRP A 1 18 ? 6.690   -8.478  -4.639  1.00 0.00 ? 18 TRP A CG   1 
ATOM 265 C CD1  . TRP A 1 18 ? 6.891   -7.582  -3.654  1.00 0.00 ? 18 TRP A CD1  1 
ATOM 266 C CD2  . TRP A 1 18 ? 6.511   -7.700  -5.851  1.00 0.00 ? 18 TRP A CD2  1 
ATOM 267 N NE1  . TRP A 1 18 ? 6.887   -6.317  -4.180  1.00 0.00 ? 18 TRP A NE1  1 
ATOM 268 C CE2  . TRP A 1 18 ? 6.668   -6.332  -5.535  1.00 0.00 ? 18 TRP A CE2  1 
ATOM 269 C CE3  . TRP A 1 18 ? 6.250   -8.045  -7.180  1.00 0.00 ? 18 TRP A CE3  1 
ATOM 270 C CZ2  . TRP A 1 18 ? 6.573   -5.344  -6.503  1.00 0.00 ? 18 TRP A CZ2  1 
ATOM 271 C CZ3  . TRP A 1 18 ? 6.153   -7.054  -8.166  1.00 0.00 ? 18 TRP A CZ3  1 
ATOM 272 C CH2  . TRP A 1 18 ? 6.320   -5.705  -7.827  1.00 0.00 ? 18 TRP A CH2  1 
ATOM 273 H H    . TRP A 1 18 ? 8.082   -12.671 -3.795  1.00 0.00 ? 18 TRP A H    1 
ATOM 274 H HA   . TRP A 1 18 ? 8.714   -10.517 -4.518  1.00 0.00 ? 18 TRP A HA   1 
ATOM 275 H HB2  . TRP A 1 18 ? 6.495   -10.426 -5.429  1.00 0.00 ? 18 TRP A HB2  1 
ATOM 276 H HB3  . TRP A 1 18 ? 5.775   -10.215 -3.844  1.00 0.00 ? 18 TRP A HB3  1 
ATOM 277 H HD1  . TRP A 1 18 ? 7.021   -7.819  -2.625  1.00 0.00 ? 18 TRP A HD1  1 
ATOM 278 H HE1  . TRP A 1 18 ? 7.029   -5.501  -3.668  1.00 0.00 ? 18 TRP A HE1  1 
ATOM 279 H HE3  . TRP A 1 18 ? 6.103   -9.081  -7.442  1.00 0.00 ? 18 TRP A HE3  1 
ATOM 280 H HZ2  . TRP A 1 18 ? 6.697   -4.308  -6.233  1.00 0.00 ? 18 TRP A HZ2  1 
ATOM 281 H HZ3  . TRP A 1 18 ? 5.957   -7.332  -9.190  1.00 0.00 ? 18 TRP A HZ3  1 
ATOM 282 H HH2  . TRP A 1 18 ? 6.257   -4.950  -8.585  1.00 0.00 ? 18 TRP A HH2  1 
ATOM 283 N N    . ALA A 1 19 ? 9.403   -9.029  -2.601  1.00 0.00 ? 19 ALA A N    1 
ATOM 284 C CA   . ALA A 1 19 ? 9.754   -8.137  -1.457  1.00 0.00 ? 19 ALA A CA   1 
ATOM 285 C C    . ALA A 1 19 ? 8.621   -7.118  -1.334  1.00 0.00 ? 19 ALA A C    1 
ATOM 286 O O    . ALA A 1 19 ? 8.642   -6.092  -1.970  1.00 0.00 ? 19 ALA A O    1 
ATOM 287 C CB   . ALA A 1 19 ? 11.052  -7.401  -1.783  1.00 0.00 ? 19 ALA A CB   1 
ATOM 288 H H    . ALA A 1 19 ? 9.996   -9.091  -3.376  1.00 0.00 ? 19 ALA A H    1 
ATOM 289 H HA   . ALA A 1 19 ? 9.856   -8.707  -0.546  1.00 0.00 ? 19 ALA A HA   1 
ATOM 290 H HB1  . ALA A 1 19 ? 11.069  -7.150  -2.841  1.00 0.00 ? 19 ALA A HB1  1 
ATOM 291 H HB2  . ALA A 1 19 ? 11.104  -6.497  -1.197  1.00 0.00 ? 19 ALA A HB2  1 
ATOM 292 H HB3  . ALA A 1 19 ? 11.894  -8.033  -1.549  1.00 0.00 ? 19 ALA A HB3  1 
ATOM 293 N N    . TRP A 1 20 ? 7.595   -7.416  -0.583  1.00 0.00 ? 20 TRP A N    1 
ATOM 294 C CA   . TRP A 1 20 ? 6.432   -6.475  -0.512  1.00 0.00 ? 20 TRP A CA   1 
ATOM 295 C C    . TRP A 1 20 ? 6.471   -5.638  0.770   1.00 0.00 ? 20 TRP A C    1 
ATOM 296 O O    . TRP A 1 20 ? 6.090   -6.089  1.830   1.00 0.00 ? 20 TRP A O    1 
ATOM 297 C CB   . TRP A 1 20 ? 5.111   -7.277  -0.567  1.00 0.00 ? 20 TRP A CB   1 
ATOM 298 C CG   . TRP A 1 20 ? 4.658   -7.417  -1.998  1.00 0.00 ? 20 TRP A CG   1 
ATOM 299 C CD1  . TRP A 1 20 ? 4.570   -8.587  -2.691  1.00 0.00 ? 20 TRP A CD1  1 
ATOM 300 C CD2  . TRP A 1 20 ? 4.224   -6.372  -2.920  1.00 0.00 ? 20 TRP A CD2  1 
ATOM 301 N NE1  . TRP A 1 20 ? 4.161   -8.307  -3.988  1.00 0.00 ? 20 TRP A NE1  1 
ATOM 302 C CE2  . TRP A 1 20 ? 3.925   -6.965  -4.172  1.00 0.00 ? 20 TRP A CE2  1 
ATOM 303 C CE3  . TRP A 1 20 ? 4.074   -4.980  -2.806  1.00 0.00 ? 20 TRP A CE3  1 
ATOM 304 C CZ2  . TRP A 1 20 ? 3.501   -6.203  -5.256  1.00 0.00 ? 20 TRP A CZ2  1 
ATOM 305 C CZ3  . TRP A 1 20 ? 3.645   -4.219  -3.893  1.00 0.00 ? 20 TRP A CZ3  1 
ATOM 306 C CH2  . TRP A 1 20 ? 3.362   -4.821  -5.111  1.00 0.00 ? 20 TRP A CH2  1 
ATOM 307 H H    . TRP A 1 20 ? 7.569   -8.269  -0.109  1.00 0.00 ? 20 TRP A H    1 
ATOM 308 H HA   . TRP A 1 20 ? 6.470   -5.811  -1.361  1.00 0.00 ? 20 TRP A HA   1 
ATOM 309 H HB2  . TRP A 1 20 ? 5.267   -8.258  -0.143  1.00 0.00 ? 20 TRP A HB2  1 
ATOM 310 H HB3  . TRP A 1 20 ? 4.351   -6.758  0.000   1.00 0.00 ? 20 TRP A HB3  1 
ATOM 311 H HD1  . TRP A 1 20 ? 4.816   -9.566  -2.314  1.00 0.00 ? 20 TRP A HD1  1 
ATOM 312 H HE1  . TRP A 1 20 ? 4.044   -8.971  -4.707  1.00 0.00 ? 20 TRP A HE1  1 
ATOM 313 H HE3  . TRP A 1 20 ? 4.264   -4.493  -1.875  1.00 0.00 ? 20 TRP A HE3  1 
ATOM 314 H HZ2  . TRP A 1 20 ? 3.282   -6.678  -6.200  1.00 0.00 ? 20 TRP A HZ2  1 
ATOM 315 H HZ3  . TRP A 1 20 ? 3.528   -3.158  -3.790  1.00 0.00 ? 20 TRP A HZ3  1 
ATOM 316 H HH2  . TRP A 1 20 ? 3.034   -4.213  -5.930  1.00 0.00 ? 20 TRP A HH2  1 
ATOM 317 N N    . GLY A 1 21 ? 6.898   -4.403  0.668   1.00 0.00 ? 21 GLY A N    1 
ATOM 318 C CA   . GLY A 1 21 ? 6.920   -3.525  1.874   1.00 0.00 ? 21 GLY A CA   1 
ATOM 319 C C    . GLY A 1 21 ? 5.490   -3.435  2.399   1.00 0.00 ? 21 GLY A C    1 
ATOM 320 O O    . GLY A 1 21 ? 4.574   -3.823  1.709   1.00 0.00 ? 21 GLY A O    1 
ATOM 321 H H    . GLY A 1 21 ? 7.175   -4.049  -0.202  1.00 0.00 ? 21 GLY A H    1 
ATOM 322 H HA2  . GLY A 1 21 ? 7.565   -3.953  2.628   1.00 0.00 ? 21 GLY A HA2  1 
ATOM 323 H HA3  . GLY A 1 21 ? 7.268   -2.540  1.605   1.00 0.00 ? 21 GLY A HA3  1 
ATOM 324 N N    . PRO A 1 22 ? 5.337   -2.938  3.601   1.00 0.00 ? 22 PRO A N    1 
ATOM 325 C CA   . PRO A 1 22 ? 4.015   -2.819  4.247   1.00 0.00 ? 22 PRO A CA   1 
ATOM 326 C C    . PRO A 1 22 ? 3.156   -1.753  3.568   1.00 0.00 ? 22 PRO A C    1 
ATOM 327 O O    . PRO A 1 22 ? 3.590   -1.082  2.655   1.00 0.00 ? 22 PRO A O    1 
ATOM 328 C CB   . PRO A 1 22 ? 4.344   -2.445  5.690   1.00 0.00 ? 22 PRO A CB   1 
ATOM 329 C CG   . PRO A 1 22 ? 5.757   -1.839  5.658   1.00 0.00 ? 22 PRO A CG   1 
ATOM 330 C CD   . PRO A 1 22 ? 6.454   -2.423  4.413   1.00 0.00 ? 22 PRO A CD   1 
ATOM 331 H HA   . PRO A 1 22 ? 3.511   -3.767  4.233   1.00 0.00 ? 22 PRO A HA   1 
ATOM 332 H HB2  . PRO A 1 22 ? 3.630   -1.719  6.057   1.00 0.00 ? 22 PRO A HB2  1 
ATOM 333 H HB3  . PRO A 1 22 ? 4.338   -3.323  6.315   1.00 0.00 ? 22 PRO A HB3  1 
ATOM 334 H HG2  . PRO A 1 22 ? 5.685   -0.766  5.578   1.00 0.00 ? 22 PRO A HG2  1 
ATOM 335 H HG3  . PRO A 1 22 ? 6.298   -2.116  6.544   1.00 0.00 ? 22 PRO A HG3  1 
ATOM 336 H HD2  . PRO A 1 22 ? 6.989   -1.648  3.879   1.00 0.00 ? 22 PRO A HD2  1 
ATOM 337 H HD3  . PRO A 1 22 ? 7.116   -3.227  4.689   1.00 0.00 ? 22 PRO A HD3  1 
ATOM 338 N N    . CYS A 1 23 ? 1.933   -1.608  4.004   1.00 0.00 ? 23 CYS A N    1 
ATOM 339 C CA   . CYS A 1 23 ? 1.025   -0.609  3.375   1.00 0.00 ? 23 CYS A CA   1 
ATOM 340 C C    . CYS A 1 23 ? 1.325   0.791   3.903   1.00 0.00 ? 23 CYS A C    1 
ATOM 341 O O    . CYS A 1 23 ? 2.131   0.978   4.794   1.00 0.00 ? 23 CYS A O    1 
ATOM 342 C CB   . CYS A 1 23 ? -0.427  -0.969  3.698   1.00 0.00 ? 23 CYS A CB   1 
ATOM 343 S SG   . CYS A 1 23 ? -0.723  -2.712  3.308   1.00 0.00 ? 23 CYS A SG   1 
ATOM 344 H H    . CYS A 1 23 ? 1.606   -2.166  4.739   1.00 0.00 ? 23 CYS A H    1 
ATOM 345 H HA   . CYS A 1 23 ? 1.164   -0.624  2.305   1.00 0.00 ? 23 CYS A HA   1 
ATOM 346 H HB2  . CYS A 1 23 ? -0.615  -0.799  4.749   1.00 0.00 ? 23 CYS A HB2  1 
ATOM 347 H HB3  . CYS A 1 23 ? -1.091  -0.351  3.111   1.00 0.00 ? 23 CYS A HB3  1 
ATOM 348 N N    . THR A 1 24 ? 0.671   1.775   3.354   1.00 0.00 ? 24 THR A N    1 
ATOM 349 C CA   . THR A 1 24 ? 0.893   3.174   3.804   1.00 0.00 ? 24 THR A CA   1 
ATOM 350 C C    . THR A 1 24 ? -0.322  4.017   3.401   1.00 0.00 ? 24 THR A C    1 
ATOM 351 O O    . THR A 1 24 ? -0.768  3.948   2.272   1.00 0.00 ? 24 THR A O    1 
ATOM 352 C CB   . THR A 1 24 ? 2.147   3.731   3.128   1.00 0.00 ? 24 THR A CB   1 
ATOM 353 O OG1  . THR A 1 24 ? 3.130   4.012   4.115   1.00 0.00 ? 24 THR A OG1  1 
ATOM 354 C CG2  . THR A 1 24 ? 1.796   5.015   2.375   1.00 0.00 ? 24 THR A CG2  1 
ATOM 355 H H    . THR A 1 24 ? 0.025   1.590   2.640   1.00 0.00 ? 24 THR A H    1 
ATOM 356 H HA   . THR A 1 24 ? 1.019   3.191   4.875   1.00 0.00 ? 24 THR A HA   1 
ATOM 357 H HB   . THR A 1 24 ? 2.533   3.004   2.429   1.00 0.00 ? 24 THR A HB   1 
ATOM 358 H HG1  . THR A 1 24 ? 3.957   3.614   3.831   1.00 0.00 ? 24 THR A HG1  1 
ATOM 359 H HG21 . THR A 1 24 ? 1.330   5.714   3.052   1.00 0.00 ? 24 THR A HG21 1 
ATOM 360 H HG22 . THR A 1 24 ? 2.696   5.452   1.969   1.00 0.00 ? 24 THR A HG22 1 
ATOM 361 H HG23 . THR A 1 24 ? 1.113   4.784   1.569   1.00 0.00 ? 24 THR A HG23 1 
ATOM 362 N N    . PRO A 1 25 ? -0.825  4.787   4.330   1.00 0.00 ? 25 PRO A N    1 
ATOM 363 C CA   . PRO A 1 25 ? -1.991  5.649   4.086   1.00 0.00 ? 25 PRO A CA   1 
ATOM 364 C C    . PRO A 1 25 ? -1.579  6.881   3.275   1.00 0.00 ? 25 PRO A C    1 
ATOM 365 O O    . PRO A 1 25 ? -1.441  7.967   3.800   1.00 0.00 ? 25 PRO A O    1 
ATOM 366 C CB   . PRO A 1 25 ? -2.459  6.033   5.491   1.00 0.00 ? 25 PRO A CB   1 
ATOM 367 C CG   . PRO A 1 25 ? -1.240  5.841   6.424   1.00 0.00 ? 25 PRO A CG   1 
ATOM 368 C CD   . PRO A 1 25 ? -0.281  4.877   5.701   1.00 0.00 ? 25 PRO A CD   1 
ATOM 369 H HA   . PRO A 1 25 ? -2.768  5.102   3.576   1.00 0.00 ? 25 PRO A HA   1 
ATOM 370 H HB2  . PRO A 1 25 ? -2.782  7.063   5.503   1.00 0.00 ? 25 PRO A HB2  1 
ATOM 371 H HB3  . PRO A 1 25 ? -3.262  5.387   5.806   1.00 0.00 ? 25 PRO A HB3  1 
ATOM 372 H HG2  . PRO A 1 25 ? -0.755  6.794   6.599   1.00 0.00 ? 25 PRO A HG2  1 
ATOM 373 H HG3  . PRO A 1 25 ? -1.556  5.407   7.360   1.00 0.00 ? 25 PRO A HG3  1 
ATOM 374 H HD2  . PRO A 1 25 ? 0.722   5.282   5.687   1.00 0.00 ? 25 PRO A HD2  1 
ATOM 375 H HD3  . PRO A 1 25 ? -0.292  3.907   6.171   1.00 0.00 ? 25 PRO A HD3  1 
ATOM 376 N N    . SER A 1 26 ? -1.381  6.711   1.996   1.00 0.00 ? 26 SER A N    1 
ATOM 377 C CA   . SER A 1 26 ? -0.976  7.860   1.139   1.00 0.00 ? 26 SER A CA   1 
ATOM 378 C C    . SER A 1 26 ? -1.872  9.065   1.431   1.00 0.00 ? 26 SER A C    1 
ATOM 379 O O    . SER A 1 26 ? -1.503  10.197  1.186   1.00 0.00 ? 26 SER A O    1 
ATOM 380 C CB   . SER A 1 26 ? -1.112  7.468   -0.333  1.00 0.00 ? 26 SER A CB   1 
ATOM 381 O OG   . SER A 1 26 ? -1.857  8.467   -1.018  1.00 0.00 ? 26 SER A OG   1 
ATOM 382 H H    . SER A 1 26 ? -1.497  5.823   1.599   1.00 0.00 ? 26 SER A H    1 
ATOM 383 H HA   . SER A 1 26 ? 0.052   8.118   1.347   1.00 0.00 ? 26 SER A HA   1 
ATOM 384 H HB2  . SER A 1 26 ? -0.135  7.386   -0.779  1.00 0.00 ? 26 SER A HB2  1 
ATOM 385 H HB3  . SER A 1 26 ? -1.620  6.513   -0.406  1.00 0.00 ? 26 SER A HB3  1 
ATOM 386 H HG   . SER A 1 26 ? -2.352  8.039   -1.720  1.00 0.00 ? 26 SER A HG   1 
ATOM 387 N N    . SER A 1 27 ? -3.048  8.836   1.949   1.00 0.00 ? 27 SER A N    1 
ATOM 388 C CA   . SER A 1 27 ? -3.961  9.976   2.249   1.00 0.00 ? 27 SER A CA   1 
ATOM 389 C C    . SER A 1 27 ? -4.267  10.011  3.749   1.00 0.00 ? 27 SER A C    1 
ATOM 390 O O    . SER A 1 27 ? -3.501  10.533  4.536   1.00 0.00 ? 27 SER A O    1 
ATOM 391 C CB   . SER A 1 27 ? -5.259  9.810   1.456   1.00 0.00 ? 27 SER A CB   1 
ATOM 392 O OG   . SER A 1 27 ? -5.080  10.341  0.150   1.00 0.00 ? 27 SER A OG   1 
ATOM 393 H H    . SER A 1 27 ? -3.332  7.918   2.138   1.00 0.00 ? 27 SER A H    1 
ATOM 394 H HA   . SER A 1 27 ? -3.484  10.899  1.964   1.00 0.00 ? 27 SER A HA   1 
ATOM 395 H HB2  . SER A 1 27 ? -5.507  8.765   1.384   1.00 0.00 ? 27 SER A HB2  1 
ATOM 396 H HB3  . SER A 1 27 ? -6.058  10.334  1.963   1.00 0.00 ? 27 SER A HB3  1 
ATOM 397 H HG   . SER A 1 27 ? -5.123  11.297  0.210   1.00 0.00 ? 27 SER A HG   1 
ATOM 398 N N    . LYS A 1 28 ? -5.381  9.464   4.154   1.00 0.00 ? 28 LYS A N    1 
ATOM 399 C CA   . LYS A 1 28 ? -5.733  9.471   5.602   1.00 0.00 ? 28 LYS A CA   1 
ATOM 400 C C    . LYS A 1 28 ? -4.669  8.695   6.392   1.00 0.00 ? 28 LYS A C    1 
ATOM 401 O O    . LYS A 1 28 ? -3.486  8.899   6.207   1.00 0.00 ? 28 LYS A O    1 
ATOM 402 C CB   . LYS A 1 28 ? -7.109  8.825   5.787   1.00 0.00 ? 28 LYS A CB   1 
ATOM 403 C CG   . LYS A 1 28 ? -8.129  9.535   4.894   1.00 0.00 ? 28 LYS A CG   1 
ATOM 404 C CD   . LYS A 1 28 ? -8.750  10.704  5.661   1.00 0.00 ? 28 LYS A CD   1 
ATOM 405 C CE   . LYS A 1 28 ? -8.555  11.997  4.868   1.00 0.00 ? 28 LYS A CE   1 
ATOM 406 N NZ   . LYS A 1 28 ? -9.828  12.771  4.858   1.00 0.00 ? 28 LYS A NZ   1 
ATOM 407 H H    . LYS A 1 28 ? -5.986  9.050   3.506   1.00 0.00 ? 28 LYS A H    1 
ATOM 408 H HA   . LYS A 1 28 ? -5.766  10.491  5.956   1.00 0.00 ? 28 LYS A HA   1 
ATOM 409 H HB2  . LYS A 1 28 ? -7.054  7.781   5.513   1.00 0.00 ? 28 LYS A HB2  1 
ATOM 410 H HB3  . LYS A 1 28 ? -7.412  8.911   6.818   1.00 0.00 ? 28 LYS A HB3  1 
ATOM 411 H HG2  . LYS A 1 28 ? -7.634  9.905   4.008   1.00 0.00 ? 28 LYS A HG2  1 
ATOM 412 H HG3  . LYS A 1 28 ? -8.903  8.840   4.610   1.00 0.00 ? 28 LYS A HG3  1 
ATOM 413 H HD2  . LYS A 1 28 ? -9.807  10.521  5.799   1.00 0.00 ? 28 LYS A HD2  1 
ATOM 414 H HD3  . LYS A 1 28 ? -8.272  10.799  6.624   1.00 0.00 ? 28 LYS A HD3  1 
ATOM 415 H HE2  . LYS A 1 28 ? -7.777  12.588  5.327   1.00 0.00 ? 28 LYS A HE2  1 
ATOM 416 H HE3  . LYS A 1 28 ? -8.272  11.757  3.854   1.00 0.00 ? 28 LYS A HE3  1 
ATOM 417 H HZ1  . LYS A 1 28 ? -10.633 12.113  4.811   1.00 0.00 ? 28 LYS A HZ1  1 
ATOM 418 H HZ2  . LYS A 1 28 ? -9.895  13.340  5.726   1.00 0.00 ? 28 LYS A HZ2  1 
ATOM 419 H HZ3  . LYS A 1 28 ? -9.845  13.400  4.032   1.00 0.00 ? 28 LYS A HZ3  1 
ATOM 420 N N    . ASP A 1 29 ? -5.070  7.812   7.270   1.00 0.00 ? 29 ASP A N    1 
ATOM 421 C CA   . ASP A 1 29 ? -4.066  7.039   8.055   1.00 0.00 ? 29 ASP A CA   1 
ATOM 422 C C    . ASP A 1 29 ? -4.457  5.560   8.075   1.00 0.00 ? 29 ASP A C    1 
ATOM 423 O O    . ASP A 1 29 ? -4.036  4.809   8.932   1.00 0.00 ? 29 ASP A O    1 
ATOM 424 C CB   . ASP A 1 29 ? -4.016  7.572   9.489   1.00 0.00 ? 29 ASP A CB   1 
ATOM 425 C CG   . ASP A 1 29 ? -2.558  7.693   9.938   1.00 0.00 ? 29 ASP A CG   1 
ATOM 426 O OD1  . ASP A 1 29 ? -1.699  7.798   9.077   1.00 0.00 ? 29 ASP A OD1  1 
ATOM 427 O OD2  . ASP A 1 29 ? -2.324  7.678   11.135  1.00 0.00 ? 29 ASP A OD2  1 
ATOM 428 H H    . ASP A 1 29 ? -6.026  7.655   7.415   1.00 0.00 ? 29 ASP A H    1 
ATOM 429 H HA   . ASP A 1 29 ? -3.093  7.147   7.598   1.00 0.00 ? 29 ASP A HA   1 
ATOM 430 H HB2  . ASP A 1 29 ? -4.489  8.542   9.528   1.00 0.00 ? 29 ASP A HB2  1 
ATOM 431 H HB3  . ASP A 1 29 ? -4.537  6.889   10.144  1.00 0.00 ? 29 ASP A HB3  1 
ATOM 432 N N    . CYS A 1 30 ? -5.254  5.135   7.133   1.00 0.00 ? 30 CYS A N    1 
ATOM 433 C CA   . CYS A 1 30 ? -5.667  3.710   7.091   1.00 0.00 ? 30 CYS A CA   1 
ATOM 434 C C    . CYS A 1 30 ? -6.629  3.496   5.915   1.00 0.00 ? 30 CYS A C    1 
ATOM 435 O O    . CYS A 1 30 ? -6.200  3.465   4.781   1.00 0.00 ? 30 CYS A O    1 
ATOM 436 C CB   . CYS A 1 30 ? -6.344  3.327   8.407   1.00 0.00 ? 30 CYS A CB   1 
ATOM 437 S SG   . CYS A 1 30 ? -7.203  4.771   9.088   1.00 0.00 ? 30 CYS A SG   1 
ATOM 438 H H    . CYS A 1 30 ? -5.578  5.750   6.452   1.00 0.00 ? 30 CYS A H    1 
ATOM 439 H HA   . CYS A 1 30 ? -4.789  3.097   6.948   1.00 0.00 ? 30 CYS A HA   1 
ATOM 440 H HB2  . CYS A 1 30 ? -7.055  2.534   8.231   1.00 0.00 ? 30 CYS A HB2  1 
ATOM 441 H HB3  . CYS A 1 30 ? -5.597  2.989   9.106   1.00 0.00 ? 30 CYS A HB3  1 
ATOM 442 N N    . GLY A 1 31 ? -7.915  3.355   6.176   1.00 0.00 ? 31 GLY A N    1 
ATOM 443 C CA   . GLY A 1 31 ? -8.908  3.143   5.075   1.00 0.00 ? 31 GLY A CA   1 
ATOM 444 C C    . GLY A 1 31 ? -8.260  2.323   3.966   1.00 0.00 ? 31 GLY A C    1 
ATOM 445 O O    . GLY A 1 31 ? -8.236  1.109   3.999   1.00 0.00 ? 31 GLY A O    1 
ATOM 446 H H    . GLY A 1 31 ? -8.229  3.394   7.094   1.00 0.00 ? 31 GLY A H    1 
ATOM 447 H HA2  . GLY A 1 31 ? -9.768  2.614   5.462   1.00 0.00 ? 31 GLY A HA2  1 
ATOM 448 H HA3  . GLY A 1 31 ? -9.219  4.097   4.679   1.00 0.00 ? 31 GLY A HA3  1 
ATOM 449 N N    . VAL A 1 32 ? -7.699  2.990   3.006   1.00 0.00 ? 32 VAL A N    1 
ATOM 450 C CA   . VAL A 1 32 ? -7.000  2.279   1.907   1.00 0.00 ? 32 VAL A CA   1 
ATOM 451 C C    . VAL A 1 32 ? -5.501  2.357   2.191   1.00 0.00 ? 32 VAL A C    1 
ATOM 452 O O    . VAL A 1 32 ? -5.014  3.351   2.695   1.00 0.00 ? 32 VAL A O    1 
ATOM 453 C CB   . VAL A 1 32 ? -7.314  2.946   0.568   1.00 0.00 ? 32 VAL A CB   1 
ATOM 454 C CG1  . VAL A 1 32 ? -6.136  3.825   0.147   1.00 0.00 ? 32 VAL A CG1  1 
ATOM 455 C CG2  . VAL A 1 32 ? -7.550  1.868   -0.492  1.00 0.00 ? 32 VAL A CG2  1 
ATOM 456 H H    . VAL A 1 32 ? -7.706  3.970   3.031   1.00 0.00 ? 32 VAL A H    1 
ATOM 457 H HA   . VAL A 1 32 ? -7.313  1.245   1.886   1.00 0.00 ? 32 VAL A HA   1 
ATOM 458 H HB   . VAL A 1 32 ? -8.200  3.556   0.668   1.00 0.00 ? 32 VAL A HB   1 
ATOM 459 H HG11 . VAL A 1 32 ? -5.764  4.364   1.005   1.00 0.00 ? 32 VAL A HG11 1 
ATOM 460 H HG12 . VAL A 1 32 ? -5.350  3.205   -0.256  1.00 0.00 ? 32 VAL A HG12 1 
ATOM 461 H HG13 . VAL A 1 32 ? -6.462  4.528   -0.606  1.00 0.00 ? 32 VAL A HG13 1 
ATOM 462 H HG21 . VAL A 1 32 ? -6.945  1.002   -0.264  1.00 0.00 ? 32 VAL A HG21 1 
ATOM 463 H HG22 . VAL A 1 32 ? -8.593  1.587   -0.493  1.00 0.00 ? 32 VAL A HG22 1 
ATOM 464 H HG23 . VAL A 1 32 ? -7.277  2.252   -1.463  1.00 0.00 ? 32 VAL A HG23 1 
ATOM 465 N N    . GLY A 1 33 ? -4.762  1.328   1.896   1.00 0.00 ? 33 GLY A N    1 
ATOM 466 C CA   . GLY A 1 33 ? -3.301  1.377   2.182   1.00 0.00 ? 33 GLY A CA   1 
ATOM 467 C C    . GLY A 1 33 ? -2.581  0.301   1.380   1.00 0.00 ? 33 GLY A C    1 
ATOM 468 O O    . GLY A 1 33 ? -2.662  -0.873  1.678   1.00 0.00 ? 33 GLY A O    1 
ATOM 469 H H    . GLY A 1 33 ? -5.165  0.526   1.498   1.00 0.00 ? 33 GLY A H    1 
ATOM 470 H HA2  . GLY A 1 33 ? -2.915  2.350   1.909   1.00 0.00 ? 33 GLY A HA2  1 
ATOM 471 H HA3  . GLY A 1 33 ? -3.135  1.207   3.235   1.00 0.00 ? 33 GLY A HA3  1 
ATOM 472 N N    . PHE A 1 34 ? -1.892  0.693   0.350   1.00 0.00 ? 34 PHE A N    1 
ATOM 473 C CA   . PHE A 1 34 ? -1.177  -0.315  -0.489  1.00 0.00 ? 34 PHE A CA   1 
ATOM 474 C C    . PHE A 1 34 ? 0.252   -0.542  -0.017  1.00 0.00 ? 34 PHE A C    1 
ATOM 475 O O    . PHE A 1 34 ? 0.941   0.368   0.400   1.00 0.00 ? 34 PHE A O    1 
ATOM 476 C CB   . PHE A 1 34 ? -1.101  0.177   -1.934  1.00 0.00 ? 34 PHE A CB   1 
ATOM 477 C CG   . PHE A 1 34 ? -0.797  1.634   -1.884  1.00 0.00 ? 34 PHE A CG   1 
ATOM 478 C CD1  . PHE A 1 34 ? 0.521   2.081   -1.792  1.00 0.00 ? 34 PHE A CD1  1 
ATOM 479 C CD2  . PHE A 1 34 ? -1.847  2.532   -1.873  1.00 0.00 ? 34 PHE A CD2  1 
ATOM 480 C CE1  . PHE A 1 34 ? 0.781   3.452   -1.695  1.00 0.00 ? 34 PHE A CE1  1 
ATOM 481 C CE2  . PHE A 1 34 ? -1.602  3.890   -1.763  1.00 0.00 ? 34 PHE A CE2  1 
ATOM 482 C CZ   . PHE A 1 34 ? -0.286  4.362   -1.677  1.00 0.00 ? 34 PHE A CZ   1 
ATOM 483 H H    . PHE A 1 34 ? -1.866  1.648   0.114   1.00 0.00 ? 34 PHE A H    1 
ATOM 484 H HA   . PHE A 1 34 ? -1.713  -1.240  -0.452  1.00 0.00 ? 34 PHE A HA   1 
ATOM 485 H HB2  . PHE A 1 34 ? -0.312  -0.346  -2.457  1.00 0.00 ? 34 PHE A HB2  1 
ATOM 486 H HB3  . PHE A 1 34 ? -2.042  0.018   -2.436  1.00 0.00 ? 34 PHE A HB3  1 
ATOM 487 H HD1  . PHE A 1 34 ? 1.335   1.370   -1.803  1.00 0.00 ? 34 PHE A HD1  1 
ATOM 488 H HD2  . PHE A 1 34 ? -2.861  2.170   -1.940  1.00 0.00 ? 34 PHE A HD2  1 
ATOM 489 H HE1  . PHE A 1 34 ? 1.799   3.807   -1.629  1.00 0.00 ? 34 PHE A HE1  1 
ATOM 490 H HE2  . PHE A 1 34 ? -2.433  4.570   -1.752  1.00 0.00 ? 34 PHE A HE2  1 
ATOM 491 H HZ   . PHE A 1 34 ? -0.094  5.418   -1.585  1.00 0.00 ? 34 PHE A HZ   1 
ATOM 492 N N    . ARG A 1 35 ? 0.726   -1.749  -0.160  1.00 0.00 ? 35 ARG A N    1 
ATOM 493 C CA   . ARG A 1 35 ? 2.138   -2.040  0.192   1.00 0.00 ? 35 ARG A CA   1 
ATOM 494 C C    . ARG A 1 35 ? 2.962   -1.715  -1.044  1.00 0.00 ? 35 ARG A C    1 
ATOM 495 O O    . ARG A 1 35 ? 2.426   -1.269  -2.039  1.00 0.00 ? 35 ARG A O    1 
ATOM 496 C CB   . ARG A 1 35 ? 2.345   -3.513  0.603   1.00 0.00 ? 35 ARG A CB   1 
ATOM 497 C CG   . ARG A 1 35 ? 1.136   -4.376  0.233   1.00 0.00 ? 35 ARG A CG   1 
ATOM 498 C CD   . ARG A 1 35 ? 1.549   -5.849  0.192   1.00 0.00 ? 35 ARG A CD   1 
ATOM 499 N NE   . ARG A 1 35 ? 0.824   -6.541  -0.916  1.00 0.00 ? 35 ARG A NE   1 
ATOM 500 C CZ   . ARG A 1 35 ? 0.025   -7.539  -0.648  1.00 0.00 ? 35 ARG A CZ   1 
ATOM 501 N NH1  . ARG A 1 35 ? -0.898  -7.409  0.265   1.00 0.00 ? 35 ARG A NH1  1 
ATOM 502 N NH2  . ARG A 1 35 ? 0.150   -8.666  -1.293  1.00 0.00 ? 35 ARG A NH2  1 
ATOM 503 H H    . ARG A 1 35 ? 0.165   -2.441  -0.548  1.00 0.00 ? 35 ARG A H    1 
ATOM 504 H HA   . ARG A 1 35 ? 2.446   -1.390  0.989   1.00 0.00 ? 35 ARG A HA   1 
ATOM 505 H HB2  . ARG A 1 35 ? 3.218   -3.899  0.101   1.00 0.00 ? 35 ARG A HB2  1 
ATOM 506 H HB3  . ARG A 1 35 ? 2.500   -3.562  1.669   1.00 0.00 ? 35 ARG A HB3  1 
ATOM 507 H HG2  . ARG A 1 35 ? 0.356   -4.240  0.967   1.00 0.00 ? 35 ARG A HG2  1 
ATOM 508 H HG3  . ARG A 1 35 ? 0.774   -4.089  -0.729  1.00 0.00 ? 35 ARG A HG3  1 
ATOM 509 H HD2  . ARG A 1 35 ? 2.614   -5.920  0.024   1.00 0.00 ? 35 ARG A HD2  1 
ATOM 510 H HD3  . ARG A 1 35 ? 1.302   -6.319  1.132   1.00 0.00 ? 35 ARG A HD3  1 
ATOM 511 H HE   . ARG A 1 35 ? 0.946   -6.249  -1.846  1.00 0.00 ? 35 ARG A HE   1 
ATOM 512 H HH11 . ARG A 1 35 ? -0.993  -6.544  0.760   1.00 0.00 ? 35 ARG A HH11 1 
ATOM 513 H HH12 . ARG A 1 35 ? -1.508  -8.172  0.471   1.00 0.00 ? 35 ARG A HH12 1 
ATOM 514 H HH21 . ARG A 1 35 ? 0.856   -8.766  -1.994  1.00 0.00 ? 35 ARG A HH21 1 
ATOM 515 H HH22 . ARG A 1 35 ? -0.462  -9.430  -1.089  1.00 0.00 ? 35 ARG A HH22 1 
ATOM 516 N N    . GLU A 1 36 ? 4.247   -1.898  -1.017  1.00 0.00 ? 36 GLU A N    1 
ATOM 517 C CA   . GLU A 1 36 ? 5.020   -1.547  -2.238  1.00 0.00 ? 36 GLU A CA   1 
ATOM 518 C C    . GLU A 1 36 ? 6.388   -2.217  -2.233  1.00 0.00 ? 36 GLU A C    1 
ATOM 519 O O    . GLU A 1 36 ? 7.087   -2.188  -1.239  1.00 0.00 ? 36 GLU A O    1 
ATOM 520 C CB   . GLU A 1 36 ? 5.208   -0.032  -2.292  1.00 0.00 ? 36 GLU A CB   1 
ATOM 521 C CG   . GLU A 1 36 ? 5.548   0.374   -3.721  1.00 0.00 ? 36 GLU A CG   1 
ATOM 522 C CD   . GLU A 1 36 ? 6.745   1.325   -3.717  1.00 0.00 ? 36 GLU A CD   1 
ATOM 523 O OE1  . GLU A 1 36 ? 7.833   0.875   -3.395  1.00 0.00 ? 36 GLU A OE1  1 
ATOM 524 O OE2  . GLU A 1 36 ? 6.556   2.487   -4.038  1.00 0.00 ? 36 GLU A OE2  1 
ATOM 525 H H    . GLU A 1 36 ? 4.693   -2.247  -0.214  1.00 0.00 ? 36 GLU A H    1 
ATOM 526 H HA   . GLU A 1 36 ? 4.470   -1.856  -3.099  1.00 0.00 ? 36 GLU A HA   1 
ATOM 527 H HB2  . GLU A 1 36 ? 4.294   0.455   -1.983  1.00 0.00 ? 36 GLU A HB2  1 
ATOM 528 H HB3  . GLU A 1 36 ? 6.015   0.258   -1.634  1.00 0.00 ? 36 GLU A HB3  1 
ATOM 529 H HG2  . GLU A 1 36 ? 5.792   -0.510  -4.290  1.00 0.00 ? 36 GLU A HG2  1 
ATOM 530 H HG3  . GLU A 1 36 ? 4.698   0.867   -4.165  1.00 0.00 ? 36 GLU A HG3  1 
ATOM 531 N N    . GLY A 1 37 ? 6.804   -2.814  -3.326  1.00 0.00 ? 37 GLY A N    1 
ATOM 532 C CA   . GLY A 1 37 ? 8.148   -3.440  -3.292  1.00 0.00 ? 37 GLY A CA   1 
ATOM 533 C C    . GLY A 1 37 ? 8.605   -3.958  -4.651  1.00 0.00 ? 37 GLY A C    1 
ATOM 534 O O    . GLY A 1 37 ? 8.422   -3.329  -5.670  1.00 0.00 ? 37 GLY A O    1 
ATOM 535 H H    . GLY A 1 37 ? 6.250   -2.841  -4.145  1.00 0.00 ? 37 GLY A H    1 
ATOM 536 H HA2  . GLY A 1 37 ? 8.858   -2.701  -2.962  1.00 0.00 ? 37 GLY A HA2  1 
ATOM 537 H HA3  . GLY A 1 37 ? 8.134   -4.251  -2.591  1.00 0.00 ? 37 GLY A HA3  1 
ATOM 538 N N    . THR A 1 38 ? 9.262   -5.089  -4.650  1.00 0.00 ? 38 THR A N    1 
ATOM 539 C CA   . THR A 1 38 ? 9.808   -5.648  -5.912  1.00 0.00 ? 38 THR A CA   1 
ATOM 540 C C    . THR A 1 38 ? 9.671   -7.173  -5.937  1.00 0.00 ? 38 THR A C    1 
ATOM 541 O O    . THR A 1 38 ? 9.581   -7.816  -4.915  1.00 0.00 ? 38 THR A O    1 
ATOM 542 C CB   . THR A 1 38 ? 11.298  -5.309  -5.966  1.00 0.00 ? 38 THR A CB   1 
ATOM 543 O OG1  . THR A 1 38 ? 11.933  -5.818  -4.802  1.00 0.00 ? 38 THR A OG1  1 
ATOM 544 C CG2  . THR A 1 38 ? 11.489  -3.793  -6.024  1.00 0.00 ? 38 THR A CG2  1 
ATOM 545 H H    . THR A 1 38 ? 9.432   -5.548  -3.805  1.00 0.00 ? 38 THR A H    1 
ATOM 546 H HA   . THR A 1 38 ? 9.306   -5.214  -6.761  1.00 0.00 ? 38 THR A HA   1 
ATOM 547 H HB   . THR A 1 38 ? 11.739  -5.761  -6.834  1.00 0.00 ? 38 THR A HB   1 
ATOM 548 H HG1  . THR A 1 38 ? 12.808  -6.125  -5.050  1.00 0.00 ? 38 THR A HG1  1 
ATOM 549 H HG21 . THR A 1 38 ? 10.526  -3.312  -6.107  1.00 0.00 ? 38 THR A HG21 1 
ATOM 550 H HG22 . THR A 1 38 ? 11.983  -3.458  -5.123  1.00 0.00 ? 38 THR A HG22 1 
ATOM 551 H HG23 . THR A 1 38 ? 12.094  -3.539  -6.882  1.00 0.00 ? 38 THR A HG23 1 
ATOM 552 N N    . CYS A 1 39 ? 9.698   -7.750  -7.108  1.00 0.00 ? 39 CYS A N    1 
ATOM 553 C CA   . CYS A 1 39 ? 9.620   -9.239  -7.227  1.00 0.00 ? 39 CYS A CA   1 
ATOM 554 C C    . CYS A 1 39 ? 10.875  -9.723  -7.943  1.00 0.00 ? 39 CYS A C    1 
ATOM 555 O O    . CYS A 1 39 ? 11.720  -10.389 -7.381  1.00 0.00 ? 39 CYS A O    1 
ATOM 556 C CB   . CYS A 1 39 ? 8.368   -9.639  -8.022  1.00 0.00 ? 39 CYS A CB   1 
ATOM 557 S SG   . CYS A 1 39 ? 8.753   -10.954 -9.221  1.00 0.00 ? 39 CYS A SG   1 
ATOM 558 H H    . CYS A 1 39 ? 9.797   -7.201  -7.913  1.00 0.00 ? 39 CYS A H    1 
ATOM 559 H HA   . CYS A 1 39 ? 9.583   -9.674  -6.251  1.00 0.00 ? 39 CYS A HA   1 
ATOM 560 H HB2  . CYS A 1 39 ? 7.623   -9.992  -7.332  1.00 0.00 ? 39 CYS A HB2  1 
ATOM 561 H HB3  . CYS A 1 39 ? 7.988   -8.769  -8.548  1.00 0.00 ? 39 CYS A HB3  1 
ATOM 562 N N    . GLY A 1 40 ? 10.990  -9.372  -9.178  1.00 0.00 ? 40 GLY A N    1 
ATOM 563 C CA   . GLY A 1 40 ? 12.178  -9.776  -9.981  1.00 0.00 ? 40 GLY A CA   1 
ATOM 564 C C    . GLY A 1 40 ? 12.590  -8.607  -10.877 1.00 0.00 ? 40 GLY A C    1 
ATOM 565 O O    . GLY A 1 40 ? 13.534  -7.897  -10.596 1.00 0.00 ? 40 GLY A O    1 
ATOM 566 H H    . GLY A 1 40 ? 10.278  -8.836  -9.581  1.00 0.00 ? 40 GLY A H    1 
ATOM 567 H HA2  . GLY A 1 40 ? 12.994  -10.031 -9.318  1.00 0.00 ? 40 GLY A HA2  1 
ATOM 568 H HA3  . GLY A 1 40 ? 11.930  -10.626 -10.595 1.00 0.00 ? 40 GLY A HA3  1 
ATOM 569 N N    . ALA A 1 41 ? 11.877  -8.394  -11.947 1.00 0.00 ? 41 ALA A N    1 
ATOM 570 C CA   . ALA A 1 41 ? 12.212  -7.263  -12.855 1.00 0.00 ? 41 ALA A CA   1 
ATOM 571 C C    . ALA A 1 41 ? 11.041  -6.280  -12.862 1.00 0.00 ? 41 ALA A C    1 
ATOM 572 O O    . ALA A 1 41 ? 10.911  -5.456  -13.745 1.00 0.00 ? 41 ALA A O    1 
ATOM 573 C CB   . ALA A 1 41 ? 12.446  -7.791  -14.272 1.00 0.00 ? 41 ALA A CB   1 
ATOM 574 H H    . ALA A 1 41 ? 11.112  -8.975  -12.149 1.00 0.00 ? 41 ALA A H    1 
ATOM 575 H HA   . ALA A 1 41 ? 13.102  -6.765  -12.500 1.00 0.00 ? 41 ALA A HA   1 
ATOM 576 H HB1  . ALA A 1 41 ? 12.479  -8.870  -14.253 1.00 0.00 ? 41 ALA A HB1  1 
ATOM 577 H HB2  . ALA A 1 41 ? 11.642  -7.466  -14.915 1.00 0.00 ? 41 ALA A HB2  1 
ATOM 578 H HB3  . ALA A 1 41 ? 13.385  -7.409  -14.647 1.00 0.00 ? 41 ALA A HB3  1 
ATOM 579 N N    . GLN A 1 42 ? 10.184  -6.370  -11.881 1.00 0.00 ? 42 GLN A N    1 
ATOM 580 C CA   . GLN A 1 42 ? 9.012   -5.452  -11.823 1.00 0.00 ? 42 GLN A CA   1 
ATOM 581 C C    . GLN A 1 42 ? 9.130   -4.546  -10.591 1.00 0.00 ? 42 GLN A C    1 
ATOM 582 O O    . GLN A 1 42 ? 10.210  -4.114  -10.248 1.00 0.00 ? 42 GLN A O    1 
ATOM 583 C CB   . GLN A 1 42 ? 7.731   -6.285  -11.742 1.00 0.00 ? 42 GLN A CB   1 
ATOM 584 C CG   . GLN A 1 42 ? 7.696   -7.277  -12.907 1.00 0.00 ? 42 GLN A CG   1 
ATOM 585 C CD   . GLN A 1 42 ? 6.305   -7.908  -12.998 1.00 0.00 ? 42 GLN A CD   1 
ATOM 586 O OE1  . GLN A 1 42 ? 5.680   -7.884  -14.041 1.00 0.00 ? 42 GLN A OE1  1 
ATOM 587 N NE2  . GLN A 1 42 ? 5.790   -8.478  -11.943 1.00 0.00 ? 42 GLN A NE2  1 
ATOM 588 H H    . GLN A 1 42 ? 10.310  -7.046  -11.184 1.00 0.00 ? 42 GLN A H    1 
ATOM 589 H HA   . GLN A 1 42 ? 8.990   -4.843  -12.714 1.00 0.00 ? 42 GLN A HA   1 
ATOM 590 H HB2  . GLN A 1 42 ? 7.710   -6.827  -10.808 1.00 0.00 ? 42 GLN A HB2  1 
ATOM 591 H HB3  . GLN A 1 42 ? 6.873   -5.634  -11.803 1.00 0.00 ? 42 GLN A HB3  1 
ATOM 592 H HG2  . GLN A 1 42 ? 7.916   -6.758  -13.828 1.00 0.00 ? 42 GLN A HG2  1 
ATOM 593 H HG3  . GLN A 1 42 ? 8.431   -8.051  -12.744 1.00 0.00 ? 42 GLN A HG3  1 
ATOM 594 H HE21 . GLN A 1 42 ? 6.293   -8.497  -11.102 1.00 0.00 ? 42 GLN A HE21 1 
ATOM 595 H HE22 . GLN A 1 42 ? 4.900   -8.885  -11.991 1.00 0.00 ? 42 GLN A HE22 1 
ATOM 596 N N    . THR A 1 43 ? 8.020   -4.260  -9.940  1.00 0.00 ? 43 THR A N    1 
ATOM 597 C CA   . THR A 1 43 ? 8.005   -3.375  -8.725  1.00 0.00 ? 43 THR A CA   1 
ATOM 598 C C    . THR A 1 43 ? 6.749   -2.510  -8.787  1.00 0.00 ? 43 THR A C    1 
ATOM 599 O O    . THR A 1 43 ? 6.334   -2.100  -9.854  1.00 0.00 ? 43 THR A O    1 
ATOM 600 C CB   . THR A 1 43 ? 9.230   -2.449  -8.689  1.00 0.00 ? 43 THR A CB   1 
ATOM 601 O OG1  . THR A 1 43 ? 10.351  -3.166  -8.196  1.00 0.00 ? 43 THR A OG1  1 
ATOM 602 C CG2  . THR A 1 43 ? 8.949   -1.256  -7.768  1.00 0.00 ? 43 THR A CG2  1 
ATOM 603 H H    . THR A 1 43 ? 7.173   -4.631  -10.260 1.00 0.00 ? 43 THR A H    1 
ATOM 604 H HA   . THR A 1 43 ? 7.981   -3.985  -7.832  1.00 0.00 ? 43 THR A HA   1 
ATOM 605 H HB   . THR A 1 43 ? 9.439   -2.091  -9.685  1.00 0.00 ? 43 THR A HB   1 
ATOM 606 H HG1  . THR A 1 43 ? 11.128  -2.862  -8.668  1.00 0.00 ? 43 THR A HG1  1 
ATOM 607 H HG21 . THR A 1 43 ? 8.081   -0.723  -8.122  1.00 0.00 ? 43 THR A HG21 1 
ATOM 608 H HG22 . THR A 1 43 ? 8.773   -1.608  -6.762  1.00 0.00 ? 43 THR A HG22 1 
ATOM 609 H HG23 . THR A 1 43 ? 9.802   -0.593  -7.772  1.00 0.00 ? 43 THR A HG23 1 
ATOM 610 N N    . GLN A 1 44 ? 6.137   -2.209  -7.671  1.00 0.00 ? 44 GLN A N    1 
ATOM 611 C CA   . GLN A 1 44 ? 4.915   -1.350  -7.727  1.00 0.00 ? 44 GLN A CA   1 
ATOM 612 C C    . GLN A 1 44 ? 4.160   -1.418  -6.407  1.00 0.00 ? 44 GLN A C    1 
ATOM 613 O O    . GLN A 1 44 ? 4.671   -1.885  -5.408  1.00 0.00 ? 44 GLN A O    1 
ATOM 614 C CB   . GLN A 1 44 ? 3.991   -1.815  -8.857  1.00 0.00 ? 44 GLN A CB   1 
ATOM 615 C CG   . GLN A 1 44 ? 3.954   -3.346  -8.907  1.00 0.00 ? 44 GLN A CG   1 
ATOM 616 C CD   . GLN A 1 44 ? 2.545   -3.839  -8.556  1.00 0.00 ? 44 GLN A CD   1 
ATOM 617 O OE1  . GLN A 1 44 ? 1.564   -3.288  -9.012  1.00 0.00 ? 44 GLN A OE1  1 
ATOM 618 N NE2  . GLN A 1 44 ? 2.410   -4.865  -7.757  1.00 0.00 ? 44 GLN A NE2  1 
ATOM 619 H H    . GLN A 1 44 ? 6.484   -2.532  -6.802  1.00 0.00 ? 44 GLN A H    1 
ATOM 620 H HA   . GLN A 1 44 ? 5.212   -0.328  -7.913  1.00 0.00 ? 44 GLN A HA   1 
ATOM 621 H HB2  . GLN A 1 44 ? 2.996   -1.436  -8.681  1.00 0.00 ? 44 GLN A HB2  1 
ATOM 622 H HB3  . GLN A 1 44 ? 4.356   -1.435  -9.799  1.00 0.00 ? 44 GLN A HB3  1 
ATOM 623 H HG2  . GLN A 1 44 ? 4.214   -3.680  -9.901  1.00 0.00 ? 44 GLN A HG2  1 
ATOM 624 H HG3  . GLN A 1 44 ? 4.661   -3.747  -8.196  1.00 0.00 ? 44 GLN A HG3  1 
ATOM 625 H HE21 . GLN A 1 44 ? 3.205   -5.309  -7.395  1.00 0.00 ? 44 GLN A HE21 1 
ATOM 626 H HE22 . GLN A 1 44 ? 1.513   -5.177  -7.500  1.00 0.00 ? 44 GLN A HE22 1 
ATOM 627 N N    . ARG A 1 45 ? 2.950   -0.934  -6.388  1.00 0.00 ? 45 ARG A N    1 
ATOM 628 C CA   . ARG A 1 45 ? 2.172   -0.948  -5.129  1.00 0.00 ? 45 ARG A CA   1 
ATOM 629 C C    . ARG A 1 45 ? 0.831   -1.644  -5.342  1.00 0.00 ? 45 ARG A C    1 
ATOM 630 O O    . ARG A 1 45 ? 0.358   -1.812  -6.448  1.00 0.00 ? 45 ARG A O    1 
ATOM 631 C CB   . ARG A 1 45 ? 1.918   0.487   -4.648  1.00 0.00 ? 45 ARG A CB   1 
ATOM 632 C CG   . ARG A 1 45 ? 2.658   1.495   -5.536  1.00 0.00 ? 45 ARG A CG   1 
ATOM 633 C CD   . ARG A 1 45 ? 1.674   2.119   -6.529  1.00 0.00 ? 45 ARG A CD   1 
ATOM 634 N NE   . ARG A 1 45 ? 2.330   3.263   -7.226  1.00 0.00 ? 45 ARG A NE   1 
ATOM 635 C CZ   . ARG A 1 45 ? 1.620   4.292   -7.604  1.00 0.00 ? 45 ARG A CZ   1 
ATOM 636 N NH1  . ARG A 1 45 ? 0.561   4.118   -8.344  1.00 0.00 ? 45 ARG A NH1  1 
ATOM 637 N NH2  . ARG A 1 45 ? 1.974   5.495   -7.245  1.00 0.00 ? 45 ARG A NH2  1 
ATOM 638 H H    . ARG A 1 45 ? 2.560   -0.545  -7.197  1.00 0.00 ? 45 ARG A H    1 
ATOM 639 H HA   . ARG A 1 45 ? 2.732   -1.478  -4.374  1.00 0.00 ? 45 ARG A HA   1 
ATOM 640 H HB2  . ARG A 1 45 ? 0.858   0.691   -4.684  1.00 0.00 ? 45 ARG A HB2  1 
ATOM 641 H HB3  . ARG A 1 45 ? 2.266   0.587   -3.630  1.00 0.00 ? 45 ARG A HB3  1 
ATOM 642 H HG2  . ARG A 1 45 ? 3.078   2.270   -4.914  1.00 0.00 ? 45 ARG A HG2  1 
ATOM 643 H HG3  . ARG A 1 45 ? 3.449   1.002   -6.077  1.00 0.00 ? 45 ARG A HG3  1 
ATOM 644 H HD2  . ARG A 1 45 ? 1.379   1.377   -7.257  1.00 0.00 ? 45 ARG A HD2  1 
ATOM 645 H HD3  . ARG A 1 45 ? 0.802   2.471   -6.000  1.00 0.00 ? 45 ARG A HD3  1 
ATOM 646 H HE   . ARG A 1 45 ? 3.294   3.242   -7.398  1.00 0.00 ? 45 ARG A HE   1 
ATOM 647 H HH11 . ARG A 1 45 ? 0.291   3.195   -8.622  1.00 0.00 ? 45 ARG A HH11 1 
ATOM 648 H HH12 . ARG A 1 45 ? 0.018   4.906   -8.634  1.00 0.00 ? 45 ARG A HH12 1 
ATOM 649 H HH21 . ARG A 1 45 ? 2.787   5.631   -6.678  1.00 0.00 ? 45 ARG A HH21 1 
ATOM 650 H HH22 . ARG A 1 45 ? 1.430   6.284   -7.534  1.00 0.00 ? 45 ARG A HH22 1 
ATOM 651 N N    . ILE A 1 46 ? 0.228   -2.030  -4.263  1.00 0.00 ? 46 ILE A N    1 
ATOM 652 C CA   . ILE A 1 46 ? -1.097  -2.716  -4.292  1.00 0.00 ? 46 ILE A CA   1 
ATOM 653 C C    . ILE A 1 46 ? -1.779  -2.378  -3.004  1.00 0.00 ? 46 ILE A C    1 
ATOM 654 O O    . ILE A 1 46 ? -1.165  -2.347  -1.977  1.00 0.00 ? 46 ILE A O    1 
ATOM 655 C CB   . ILE A 1 46 ? -0.933  -4.223  -4.402  1.00 0.00 ? 46 ILE A CB   1 
ATOM 656 C CG1  . ILE A 1 46 ? -0.270  -4.795  -3.162  1.00 0.00 ? 46 ILE A CG1  1 
ATOM 657 C CG2  . ILE A 1 46 ? -0.050  -4.487  -5.578  1.00 0.00 ? 46 ILE A CG2  1 
ATOM 658 C CD1  . ILE A 1 46 ? 1.066   -4.100  -2.952  1.00 0.00 ? 46 ILE A CD1  1 
ATOM 659 H H    . ILE A 1 46 ? 0.655   -1.850  -3.400  1.00 0.00 ? 46 ILE A H    1 
ATOM 660 H HA   . ILE A 1 46 ? -1.681  -2.345  -5.123  1.00 0.00 ? 46 ILE A HA   1 
ATOM 661 H HB   . ILE A 1 46 ? -1.894  -4.690  -4.555  1.00 0.00 ? 46 ILE A HB   1 
ATOM 662 H HG12 . ILE A 1 46 ? -0.903  -4.642  -2.302  1.00 0.00 ? 46 ILE A HG12 1 
ATOM 663 H HG13 . ILE A 1 46 ? -0.098  -5.850  -3.313  1.00 0.00 ? 46 ILE A HG13 1 
ATOM 664 H HG21 . ILE A 1 46 ? -0.288  -3.767  -6.342  1.00 0.00 ? 46 ILE A HG21 1 
ATOM 665 H HG22 . ILE A 1 46 ? 0.986   -4.374  -5.268  1.00 0.00 ? 46 ILE A HG22 1 
ATOM 666 H HG23 . ILE A 1 46 ? -0.223  -5.485  -5.939  1.00 0.00 ? 46 ILE A HG23 1 
ATOM 667 H HD11 . ILE A 1 46 ? 1.437   -3.763  -3.905  1.00 0.00 ? 46 ILE A HD11 1 
ATOM 668 H HD12 . ILE A 1 46 ? 0.934   -3.252  -2.300  1.00 0.00 ? 46 ILE A HD12 1 
ATOM 669 H HD13 . ILE A 1 46 ? 1.771   -4.786  -2.516  1.00 0.00 ? 46 ILE A HD13 1 
ATOM 670 N N    . ARG A 1 47 ? -3.022  -2.087  -3.059  1.00 0.00 ? 47 ARG A N    1 
ATOM 671 C CA   . ARG A 1 47 ? -3.727  -1.666  -1.812  1.00 0.00 ? 47 ARG A CA   1 
ATOM 672 C C    . ARG A 1 47 ? -3.860  -2.774  -0.785  1.00 0.00 ? 47 ARG A C    1 
ATOM 673 O O    . ARG A 1 47 ? -3.538  -3.926  -1.005  1.00 0.00 ? 47 ARG A O    1 
ATOM 674 C CB   . ARG A 1 47 ? -5.111  -1.165  -2.133  1.00 0.00 ? 47 ARG A CB   1 
ATOM 675 C CG   . ARG A 1 47 ? -5.036  0.298   -2.546  1.00 0.00 ? 47 ARG A CG   1 
ATOM 676 C CD   . ARG A 1 47 ? -6.010  0.457   -3.683  1.00 0.00 ? 47 ARG A CD   1 
ATOM 677 N NE   . ARG A 1 47 ? -5.542  -0.380  -4.831  1.00 0.00 ? 47 ARG A NE   1 
ATOM 678 C CZ   . ARG A 1 47 ? -6.391  -0.777  -5.738  1.00 0.00 ? 47 ARG A CZ   1 
ATOM 679 N NH1  . ARG A 1 47 ? -7.534  -1.298  -5.380  1.00 0.00 ? 47 ARG A NH1  1 
ATOM 680 N NH2  . ARG A 1 47 ? -6.097  -0.657  -7.003  1.00 0.00 ? 47 ARG A NH2  1 
ATOM 681 H H    . ARG A 1 47 ? -3.479  -2.101  -3.928  1.00 0.00 ? 47 ARG A H    1 
ATOM 682 H HA   . ARG A 1 47 ? -3.188  -0.855  -1.372  1.00 0.00 ? 47 ARG A HA   1 
ATOM 683 H HB2  . ARG A 1 47 ? -5.526  -1.750  -2.942  1.00 0.00 ? 47 ARG A HB2  1 
ATOM 684 H HB3  . ARG A 1 47 ? -5.738  -1.258  -1.260  1.00 0.00 ? 47 ARG A HB3  1 
ATOM 685 H HG2  . ARG A 1 47 ? -5.316  0.939   -1.717  1.00 0.00 ? 47 ARG A HG2  1 
ATOM 686 H HG3  . ARG A 1 47 ? -4.037  0.552   -2.880  1.00 0.00 ? 47 ARG A HG3  1 
ATOM 687 H HD2  . ARG A 1 47 ? -6.978  0.111   -3.350  1.00 0.00 ? 47 ARG A HD2  1 
ATOM 688 H HD3  . ARG A 1 47 ? -6.071  1.486   -3.970  1.00 0.00 ? 47 ARG A HD3  1 
ATOM 689 H HE   . ARG A 1 47 ? -4.592  -0.648  -4.893  1.00 0.00 ? 47 ARG A HE   1 
ATOM 690 H HH11 . ARG A 1 47 ? -7.758  -1.392  -4.411  1.00 0.00 ? 47 ARG A HH11 1 
ATOM 691 H HH12 . ARG A 1 47 ? -8.183  -1.602  -6.077  1.00 0.00 ? 47 ARG A HH12 1 
ATOM 692 H HH21 . ARG A 1 47 ? -5.221  -0.259  -7.276  1.00 0.00 ? 47 ARG A HH21 1 
ATOM 693 H HH22 . ARG A 1 47 ? -6.747  -0.959  -7.700  1.00 0.00 ? 47 ARG A HH22 1 
ATOM 694 N N    . CYS A 1 48 ? -4.349  -2.379  0.351   1.00 0.00 ? 48 CYS A N    1 
ATOM 695 C CA   . CYS A 1 48 ? -4.562  -3.310  1.492   1.00 0.00 ? 48 CYS A CA   1 
ATOM 696 C C    . CYS A 1 48 ? -5.278  -2.526  2.597   1.00 0.00 ? 48 CYS A C    1 
ATOM 697 O O    . CYS A 1 48 ? -4.913  -1.410  2.911   1.00 0.00 ? 48 CYS A O    1 
ATOM 698 C CB   . CYS A 1 48 ? -3.211  -3.830  1.997   1.00 0.00 ? 48 CYS A CB   1 
ATOM 699 S SG   . CYS A 1 48 ? -2.723  -2.929  3.490   1.00 0.00 ? 48 CYS A SG   1 
ATOM 700 H H    . CYS A 1 48 ? -4.588  -1.431  0.451   1.00 0.00 ? 48 CYS A H    1 
ATOM 701 H HA   . CYS A 1 48 ? -5.180  -4.136  1.174   1.00 0.00 ? 48 CYS A HA   1 
ATOM 702 H HB2  . CYS A 1 48 ? -3.296  -4.883  2.227   1.00 0.00 ? 48 CYS A HB2  1 
ATOM 703 H HB3  . CYS A 1 48 ? -2.463  -3.690  1.231   1.00 0.00 ? 48 CYS A HB3  1 
ATOM 704 N N    . ARG A 1 49 ? -6.314  -3.075  3.167   1.00 0.00 ? 49 ARG A N    1 
ATOM 705 C CA   . ARG A 1 49 ? -7.060  -2.328  4.224   1.00 0.00 ? 49 ARG A CA   1 
ATOM 706 C C    . ARG A 1 49 ? -6.136  -1.997  5.398   1.00 0.00 ? 49 ARG A C    1 
ATOM 707 O O    . ARG A 1 49 ? -5.084  -2.582  5.565   1.00 0.00 ? 49 ARG A O    1 
ATOM 708 C CB   . ARG A 1 49 ? -8.233  -3.172  4.721   1.00 0.00 ? 49 ARG A CB   1 
ATOM 709 C CG   . ARG A 1 49 ? -9.258  -3.344  3.595   1.00 0.00 ? 49 ARG A CG   1 
ATOM 710 C CD   . ARG A 1 49 ? -9.521  -1.992  2.927   1.00 0.00 ? 49 ARG A CD   1 
ATOM 711 N NE   . ARG A 1 49 ? -10.957 -1.899  2.541   1.00 0.00 ? 49 ARG A NE   1 
ATOM 712 C CZ   . ARG A 1 49 ? -11.390 -0.850  1.897   1.00 0.00 ? 49 ARG A CZ   1 
ATOM 713 N NH1  . ARG A 1 49 ? -10.727 0.272   1.958   1.00 0.00 ? 49 ARG A NH1  1 
ATOM 714 N NH2  . ARG A 1 49 ? -12.485 -0.923  1.190   1.00 0.00 ? 49 ARG A NH2  1 
ATOM 715 H H    . ARG A 1 49 ? -6.615  -3.964  2.888   1.00 0.00 ? 49 ARG A H    1 
ATOM 716 H HA   . ARG A 1 49 ? -7.438  -1.409  3.804   1.00 0.00 ? 49 ARG A HA   1 
ATOM 717 H HB2  . ARG A 1 49 ? -7.871  -4.142  5.032   1.00 0.00 ? 49 ARG A HB2  1 
ATOM 718 H HB3  . ARG A 1 49 ? -8.702  -2.676  5.558   1.00 0.00 ? 49 ARG A HB3  1 
ATOM 719 H HG2  . ARG A 1 49 ? -8.872  -4.039  2.862   1.00 0.00 ? 49 ARG A HG2  1 
ATOM 720 H HG3  . ARG A 1 49 ? -10.181 -3.727  4.004   1.00 0.00 ? 49 ARG A HG3  1 
ATOM 721 H HD2  . ARG A 1 49 ? -9.284  -1.197  3.618   1.00 0.00 ? 49 ARG A HD2  1 
ATOM 722 H HD3  . ARG A 1 49 ? -8.904  -1.899  2.046   1.00 0.00 ? 49 ARG A HD3  1 
ATOM 723 H HE   . ARG A 1 49 ? -11.574 -2.624  2.770   1.00 0.00 ? 49 ARG A HE   1 
ATOM 724 H HH11 . ARG A 1 49 ? -9.889  0.327   2.501   1.00 0.00 ? 49 ARG A HH11 1 
ATOM 725 H HH12 . ARG A 1 49 ? -11.058 1.077   1.466   1.00 0.00 ? 49 ARG A HH12 1 
ATOM 726 H HH21 . ARG A 1 49 ? -12.993 -1.784  1.142   1.00 0.00 ? 49 ARG A HH21 1 
ATOM 727 H HH22 . ARG A 1 49 ? -12.817 -0.119  0.697   1.00 0.00 ? 49 ARG A HH22 1 
ATOM 728 N N    . VAL A 1 50 ? -6.531  -1.055  6.212   1.00 0.00 ? 50 VAL A N    1 
ATOM 729 C CA   . VAL A 1 50 ? -5.694  -0.665  7.383   1.00 0.00 ? 50 VAL A CA   1 
ATOM 730 C C    . VAL A 1 50 ? -6.622  -0.348  8.568   1.00 0.00 ? 50 VAL A C    1 
ATOM 731 O O    . VAL A 1 50 ? -7.587  0.373   8.414   1.00 0.00 ? 50 VAL A O    1 
ATOM 732 C CB   . VAL A 1 50 ? -4.864  0.570   7.015   1.00 0.00 ? 50 VAL A CB   1 
ATOM 733 C CG1  . VAL A 1 50 ? -3.401  0.335   7.404   1.00 0.00 ? 50 VAL A CG1  1 
ATOM 734 C CG2  . VAL A 1 50 ? -4.950  0.803   5.504   1.00 0.00 ? 50 VAL A CG2  1 
ATOM 735 H H    . VAL A 1 50 ? -7.383  -0.599  6.050   1.00 0.00 ? 50 VAL A H    1 
ATOM 736 H HA   . VAL A 1 50 ? -5.036  -1.480  7.637   1.00 0.00 ? 50 VAL A HA   1 
ATOM 737 H HB   . VAL A 1 50 ? -5.247  1.439   7.538   1.00 0.00 ? 50 VAL A HB   1 
ATOM 738 H HG11 . VAL A 1 50 ? -3.358  -0.194  8.345   1.00 0.00 ? 50 VAL A HG11 1 
ATOM 739 H HG12 . VAL A 1 50 ? -2.911  -0.253  6.639   1.00 0.00 ? 50 VAL A HG12 1 
ATOM 740 H HG13 . VAL A 1 50 ? -2.897  1.285   7.503   1.00 0.00 ? 50 VAL A HG13 1 
ATOM 741 H HG21 . VAL A 1 50 ? -5.985  0.804   5.198   1.00 0.00 ? 50 VAL A HG21 1 
ATOM 742 H HG22 . VAL A 1 50 ? -4.501  1.754   5.261   1.00 0.00 ? 50 VAL A HG22 1 
ATOM 743 H HG23 . VAL A 1 50 ? -4.422  0.014   4.988   1.00 0.00 ? 50 VAL A HG23 1 
ATOM 744 N N    . PRO A 1 51 ? -6.315  -0.915  9.713   1.00 0.00 ? 51 PRO A N    1 
ATOM 745 C CA   . PRO A 1 51 ? -7.122  -0.733  10.938  1.00 0.00 ? 51 PRO A CA   1 
ATOM 746 C C    . PRO A 1 51 ? -6.833  0.609   11.627  1.00 0.00 ? 51 PRO A C    1 
ATOM 747 O O    . PRO A 1 51 ? -6.855  0.700   12.839  1.00 0.00 ? 51 PRO A O    1 
ATOM 748 C CB   . PRO A 1 51 ? -6.680  -1.895  11.830  1.00 0.00 ? 51 PRO A CB   1 
ATOM 749 C CG   . PRO A 1 51 ? -5.282  -2.327  11.329  1.00 0.00 ? 51 PRO A CG   1 
ATOM 750 C CD   . PRO A 1 51 ? -5.140  -1.792  9.892   1.00 0.00 ? 51 PRO A CD   1 
ATOM 751 H HA   . PRO A 1 51 ? -8.172  -0.824  10.717  1.00 0.00 ? 51 PRO A HA   1 
ATOM 752 H HB2  . PRO A 1 51 ? -6.625  -1.568  12.860  1.00 0.00 ? 51 PRO A HB2  1 
ATOM 753 H HB3  . PRO A 1 51 ? -7.371  -2.719  11.737  1.00 0.00 ? 51 PRO A HB3  1 
ATOM 754 H HG2  . PRO A 1 51 ? -4.516  -1.902  11.963  1.00 0.00 ? 51 PRO A HG2  1 
ATOM 755 H HG3  . PRO A 1 51 ? -5.206  -3.404  11.327  1.00 0.00 ? 51 PRO A HG3  1 
ATOM 756 H HD2  . PRO A 1 51 ? -4.224  -1.229  9.788   1.00 0.00 ? 51 PRO A HD2  1 
ATOM 757 H HD3  . PRO A 1 51 ? -5.170  -2.604  9.181   1.00 0.00 ? 51 PRO A HD3  1 
ATOM 758 N N    . CYS A 1 52 ? -6.580  1.647   10.876  1.00 0.00 ? 52 CYS A N    1 
ATOM 759 C CA   . CYS A 1 52 ? -6.310  2.979   11.498  1.00 0.00 ? 52 CYS A CA   1 
ATOM 760 C C    . CYS A 1 52 ? -5.459  2.809   12.760  1.00 0.00 ? 52 CYS A C    1 
ATOM 761 O O    . CYS A 1 52 ? -5.864  3.169   13.848  1.00 0.00 ? 52 CYS A O    1 
ATOM 762 C CB   . CYS A 1 52 ? -7.639  3.644   11.863  1.00 0.00 ? 52 CYS A CB   1 
ATOM 763 S SG   . CYS A 1 52 ? -8.573  3.988   10.351  1.00 0.00 ? 52 CYS A SG   1 
ATOM 764 H H    . CYS A 1 52 ? -6.580  1.556   9.901   1.00 0.00 ? 52 CYS A H    1 
ATOM 765 H HA   . CYS A 1 52 ? -5.780  3.605   10.797  1.00 0.00 ? 52 CYS A HA   1 
ATOM 766 H HB2  . CYS A 1 52 ? -8.210  2.982   12.498  1.00 0.00 ? 52 CYS A HB2  1 
ATOM 767 H HB3  . CYS A 1 52 ? -7.448  4.569   12.386  1.00 0.00 ? 52 CYS A HB3  1 
ATOM 768 N N    . ASN A 1 53 ? -4.280  2.265   12.624  1.00 0.00 ? 53 ASN A N    1 
ATOM 769 C CA   . ASN A 1 53 ? -3.402  2.073   13.813  1.00 0.00 ? 53 ASN A CA   1 
ATOM 770 C C    . ASN A 1 53 ? -2.479  3.284   13.961  1.00 0.00 ? 53 ASN A C    1 
ATOM 771 O O    . ASN A 1 53 ? -1.348  3.165   14.382  1.00 0.00 ? 53 ASN A O    1 
ATOM 772 C CB   . ASN A 1 53 ? -2.553  0.814   13.620  1.00 0.00 ? 53 ASN A CB   1 
ATOM 773 C CG   . ASN A 1 53 ? -3.093  -0.315  14.503  1.00 0.00 ? 53 ASN A CG   1 
ATOM 774 O OD1  . ASN A 1 53 ? -3.176  -1.448  14.075  1.00 0.00 ? 53 ASN A OD1  1 
ATOM 775 N ND2  . ASN A 1 53 ? -3.462  -0.052  15.726  1.00 0.00 ? 53 ASN A ND2  1 
ATOM 776 H H    . ASN A 1 53 ? -3.971  1.984   11.737  1.00 0.00 ? 53 ASN A H    1 
ATOM 777 H HA   . ASN A 1 53 ? -4.008  1.970   14.700  1.00 0.00 ? 53 ASN A HA   1 
ATOM 778 H HB2  . ASN A 1 53 ? -2.594  0.510   12.584  1.00 0.00 ? 53 ASN A HB2  1 
ATOM 779 H HB3  . ASN A 1 53 ? -1.531  1.024   13.894  1.00 0.00 ? 53 ASN A HB3  1 
ATOM 780 H HD21 . ASN A 1 53 ? -3.394  0.861   16.076  1.00 0.00 ? 53 ASN A HD21 1 
ATOM 781 H HD22 . ASN A 1 53 ? -3.807  -0.770  16.299  1.00 0.00 ? 53 ASN A HD22 1 
ATOM 782 N N    . TRP A 1 54 ? -2.949  4.449   13.609  1.00 0.00 ? 54 TRP A N    1 
ATOM 783 C CA   . TRP A 1 54 ? -2.093  5.662   13.721  1.00 0.00 ? 54 TRP A CA   1 
ATOM 784 C C    . TRP A 1 54 ? -1.363  5.669   15.070  1.00 0.00 ? 54 TRP A C    1 
ATOM 785 O O    . TRP A 1 54 ? -0.230  6.095   15.166  1.00 0.00 ? 54 TRP A O    1 
ATOM 786 C CB   . TRP A 1 54 ? -2.964  6.914   13.602  1.00 0.00 ? 54 TRP A CB   1 
ATOM 787 C CG   . TRP A 1 54 ? -3.766  7.087   14.849  1.00 0.00 ? 54 TRP A CG   1 
ATOM 788 C CD1  . TRP A 1 54 ? -4.847  6.347   15.183  1.00 0.00 ? 54 TRP A CD1  1 
ATOM 789 C CD2  . TRP A 1 54 ? -3.570  8.042   15.930  1.00 0.00 ? 54 TRP A CD2  1 
ATOM 790 N NE1  . TRP A 1 54 ? -5.330  6.789   16.402  1.00 0.00 ? 54 TRP A NE1  1 
ATOM 791 C CE2  . TRP A 1 54 ? -4.576  7.833   16.903  1.00 0.00 ? 54 TRP A CE2  1 
ATOM 792 C CE3  . TRP A 1 54 ? -2.626  9.062   16.159  1.00 0.00 ? 54 TRP A CE3  1 
ATOM 793 C CZ2  . TRP A 1 54 ? -4.645  8.608   18.062  1.00 0.00 ? 54 TRP A CZ2  1 
ATOM 794 C CZ3  . TRP A 1 54 ? -2.692  9.843   17.323  1.00 0.00 ? 54 TRP A CZ3  1 
ATOM 795 C CH2  . TRP A 1 54 ? -3.700  9.617   18.274  1.00 0.00 ? 54 TRP A CH2  1 
ATOM 796 H H    . TRP A 1 54 ? -3.863  4.525   13.265  1.00 0.00 ? 54 TRP A H    1 
ATOM 797 H HA   . TRP A 1 54 ? -1.365  5.659   12.923  1.00 0.00 ? 54 TRP A HA   1 
ATOM 798 H HB2  . TRP A 1 54 ? -2.333  7.779   13.456  1.00 0.00 ? 54 TRP A HB2  1 
ATOM 799 H HB3  . TRP A 1 54 ? -3.629  6.809   12.758  1.00 0.00 ? 54 TRP A HB3  1 
ATOM 800 H HD1  . TRP A 1 54 ? -5.265  5.542   14.594  1.00 0.00 ? 54 TRP A HD1  1 
ATOM 801 H HE1  . TRP A 1 54 ? -6.110  6.419   16.869  1.00 0.00 ? 54 TRP A HE1  1 
ATOM 802 H HE3  . TRP A 1 54 ? -1.847  9.244   15.434  1.00 0.00 ? 54 TRP A HE3  1 
ATOM 803 H HZ2  . TRP A 1 54 ? -5.422  8.430   18.790  1.00 0.00 ? 54 TRP A HZ2  1 
ATOM 804 H HZ3  . TRP A 1 54 ? -1.962  10.623  17.490  1.00 0.00 ? 54 TRP A HZ3  1 
ATOM 805 H HH2  . TRP A 1 54 ? -3.745  10.221  19.167  1.00 0.00 ? 54 TRP A HH2  1 
ATOM 806 N N    . LYS A 1 55 ? -1.999  5.210   16.116  1.00 0.00 ? 55 LYS A N    1 
ATOM 807 C CA   . LYS A 1 55 ? -1.326  5.207   17.448  1.00 0.00 ? 55 LYS A CA   1 
ATOM 808 C C    . LYS A 1 55 ? -0.962  3.781   17.854  1.00 0.00 ? 55 LYS A C    1 
ATOM 809 O O    . LYS A 1 55 ? -0.260  3.564   18.822  1.00 0.00 ? 55 LYS A O    1 
ATOM 810 C CB   . LYS A 1 55 ? -2.269  5.800   18.495  1.00 0.00 ? 55 LYS A CB   1 
ATOM 811 C CG   . LYS A 1 55 ? -1.477  6.712   19.429  1.00 0.00 ? 55 LYS A CG   1 
ATOM 812 C CD   . LYS A 1 55 ? -1.361  6.061   20.812  1.00 0.00 ? 55 LYS A CD   1 
ATOM 813 C CE   . LYS A 1 55 ? 0.092   5.666   21.081  1.00 0.00 ? 55 LYS A CE   1 
ATOM 814 N NZ   . LYS A 1 55 ? 0.364   5.772   22.542  1.00 0.00 ? 55 LYS A NZ   1 
ATOM 815 H H    . LYS A 1 55 ? -2.913  4.877   16.030  1.00 0.00 ? 55 LYS A H    1 
ATOM 816 H HA   . LYS A 1 55 ? -0.433  5.799   17.392  1.00 0.00 ? 55 LYS A HA   1 
ATOM 817 H HB2  . LYS A 1 55 ? -3.045  6.369   18.004  1.00 0.00 ? 55 LYS A HB2  1 
ATOM 818 H HB3  . LYS A 1 55 ? -2.717  5.002   19.070  1.00 0.00 ? 55 LYS A HB3  1 
ATOM 819 H HG2  . LYS A 1 55 ? -0.492  6.872   19.018  1.00 0.00 ? 55 LYS A HG2  1 
ATOM 820 H HG3  . LYS A 1 55 ? -1.987  7.659   19.520  1.00 0.00 ? 55 LYS A HG3  1 
ATOM 821 H HD2  . LYS A 1 55 ? -1.685  6.763   21.565  1.00 0.00 ? 55 LYS A HD2  1 
ATOM 822 H HD3  . LYS A 1 55 ? -1.983  5.180   20.849  1.00 0.00 ? 55 LYS A HD3  1 
ATOM 823 H HE2  . LYS A 1 55 ? 0.255   4.649   20.756  1.00 0.00 ? 55 LYS A HE2  1 
ATOM 824 H HE3  . LYS A 1 55 ? 0.752   6.328   20.541  1.00 0.00 ? 55 LYS A HE3  1 
ATOM 825 H HZ1  . LYS A 1 55 ? -0.516  6.012   23.041  1.00 0.00 ? 55 LYS A HZ1  1 
ATOM 826 H HZ2  . LYS A 1 55 ? 0.726   4.863   22.894  1.00 0.00 ? 55 LYS A HZ2  1 
ATOM 827 H HZ3  . LYS A 1 55 ? 1.073   6.514   22.710  1.00 0.00 ? 55 LYS A HZ3  1 
ATOM 828 N N    . LYS A 1 56 ? -1.448  2.811   17.135  1.00 0.00 ? 56 LYS A N    1 
ATOM 829 C CA   . LYS A 1 56 ? -1.154  1.385   17.478  1.00 0.00 ? 56 LYS A CA   1 
ATOM 830 C C    . LYS A 1 56 ? -1.791  1.027   18.829  1.00 0.00 ? 56 LYS A C    1 
ATOM 831 O O    . LYS A 1 56 ? -1.639  -0.079  19.310  1.00 0.00 ? 56 LYS A O    1 
ATOM 832 C CB   . LYS A 1 56 ? 0.365   1.169   17.557  1.00 0.00 ? 56 LYS A CB   1 
ATOM 833 C CG   . LYS A 1 56 ? 0.934   0.978   16.149  1.00 0.00 ? 56 LYS A CG   1 
ATOM 834 C CD   . LYS A 1 56 ? 1.161   2.346   15.506  1.00 0.00 ? 56 LYS A CD   1 
ATOM 835 C CE   . LYS A 1 56 ? 2.640   2.509   15.147  1.00 0.00 ? 56 LYS A CE   1 
ATOM 836 N NZ   . LYS A 1 56 ? 3.483   2.199   16.336  1.00 0.00 ? 56 LYS A NZ   1 
ATOM 837 H H    . LYS A 1 56 ? -2.020  3.025   16.372  1.00 0.00 ? 56 LYS A H    1 
ATOM 838 H HA   . LYS A 1 56 ? -1.566  0.743   16.711  1.00 0.00 ? 56 LYS A HA   1 
ATOM 839 H HB2  . LYS A 1 56 ? 0.829   2.025   18.017  1.00 0.00 ? 56 LYS A HB2  1 
ATOM 840 H HB3  . LYS A 1 56 ? 0.571   0.288   18.147  1.00 0.00 ? 56 LYS A HB3  1 
ATOM 841 H HG2  . LYS A 1 56 ? 1.873   0.446   16.209  1.00 0.00 ? 56 LYS A HG2  1 
ATOM 842 H HG3  . LYS A 1 56 ? 0.236   0.412   15.551  1.00 0.00 ? 56 LYS A HG3  1 
ATOM 843 H HD2  . LYS A 1 56 ? 0.566   2.422   14.609  1.00 0.00 ? 56 LYS A HD2  1 
ATOM 844 H HD3  . LYS A 1 56 ? 0.871   3.123   16.199  1.00 0.00 ? 56 LYS A HD3  1 
ATOM 845 H HE2  . LYS A 1 56 ? 2.891   1.833   14.342  1.00 0.00 ? 56 LYS A HE2  1 
ATOM 846 H HE3  . LYS A 1 56 ? 2.823   3.526   14.831  1.00 0.00 ? 56 LYS A HE3  1 
ATOM 847 H HZ1  . LYS A 1 56 ? 2.931   2.356   17.203  1.00 0.00 ? 56 LYS A HZ1  1 
ATOM 848 H HZ2  . LYS A 1 56 ? 3.787   1.206   16.295  1.00 0.00 ? 56 LYS A HZ2  1 
ATOM 849 H HZ3  . LYS A 1 56 ? 4.318   2.820   16.339  1.00 0.00 ? 56 LYS A HZ3  1 
ATOM 850 N N    . GLU A 1 57 ? -2.506  1.954   19.430  1.00 0.00 ? 57 GLU A N    1 
ATOM 851 C CA   . GLU A 1 57 ? -3.171  1.703   20.749  1.00 0.00 ? 57 GLU A CA   1 
ATOM 852 C C    . GLU A 1 57 ? -3.218  3.013   21.539  1.00 0.00 ? 57 GLU A C    1 
ATOM 853 O O    . GLU A 1 57 ? -2.272  3.374   22.211  1.00 0.00 ? 57 GLU A O    1 
ATOM 854 C CB   . GLU A 1 57 ? -2.392  0.668   21.568  1.00 0.00 ? 57 GLU A CB   1 
ATOM 855 C CG   . GLU A 1 57 ? -3.025  -0.712  21.377  1.00 0.00 ? 57 GLU A CG   1 
ATOM 856 C CD   . GLU A 1 57 ? -2.009  -1.797  21.740  1.00 0.00 ? 57 GLU A CD   1 
ATOM 857 O OE1  . GLU A 1 57 ? -1.223  -2.157  20.880  1.00 0.00 ? 57 GLU A OE1  1 
ATOM 858 O OE2  . GLU A 1 57 ? -2.037  -2.250  22.872  1.00 0.00 ? 57 GLU A OE2  1 
ATOM 859 H H    . GLU A 1 57 ? -2.615  2.825   19.004  1.00 0.00 ? 57 GLU A H    1 
ATOM 860 H HA   . GLU A 1 57 ? -4.179  1.350   20.583  1.00 0.00 ? 57 GLU A HA   1 
ATOM 861 H HB2  . GLU A 1 57 ? -1.365  0.645   21.238  1.00 0.00 ? 57 GLU A HB2  1 
ATOM 862 H HB3  . GLU A 1 57 ? -2.429  0.936   22.613  1.00 0.00 ? 57 GLU A HB3  1 
ATOM 863 H HG2  . GLU A 1 57 ? -3.893  -0.800  22.014  1.00 0.00 ? 57 GLU A HG2  1 
ATOM 864 H HG3  . GLU A 1 57 ? -3.322  -0.831  20.345  1.00 0.00 ? 57 GLU A HG3  1 
ATOM 865 N N    . PHE A 1 58 ? -4.307  3.730   21.469  1.00 0.00 ? 58 PHE A N    1 
ATOM 866 C CA   . PHE A 1 58 ? -4.401  5.015   22.223  1.00 0.00 ? 58 PHE A CA   1 
ATOM 867 C C    . PHE A 1 58 ? -4.612  4.717   23.711  1.00 0.00 ? 58 PHE A C    1 
ATOM 868 O O    . PHE A 1 58 ? -5.718  4.765   24.211  1.00 0.00 ? 58 PHE A O    1 
ATOM 869 C CB   . PHE A 1 58 ? -5.580  5.840   21.694  1.00 0.00 ? 58 PHE A CB   1 
ATOM 870 C CG   . PHE A 1 58 ? -5.281  7.311   21.867  1.00 0.00 ? 58 PHE A CG   1 
ATOM 871 C CD1  . PHE A 1 58 ? -4.072  7.835   21.399  1.00 0.00 ? 58 PHE A CD1  1 
ATOM 872 C CD2  . PHE A 1 58 ? -6.208  8.150   22.498  1.00 0.00 ? 58 PHE A CD2  1 
ATOM 873 C CE1  . PHE A 1 58 ? -3.785  9.195   21.559  1.00 0.00 ? 58 PHE A CE1  1 
ATOM 874 C CE2  . PHE A 1 58 ? -5.922  9.512   22.659  1.00 0.00 ? 58 PHE A CE2  1 
ATOM 875 C CZ   . PHE A 1 58 ? -4.709  10.034  22.190  1.00 0.00 ? 58 PHE A CZ   1 
ATOM 876 H H    . PHE A 1 58 ? -5.061  3.424   20.923  1.00 0.00 ? 58 PHE A H    1 
ATOM 877 H HA   . PHE A 1 58 ? -3.486  5.575   22.094  1.00 0.00 ? 58 PHE A HA   1 
ATOM 878 H HB2  . PHE A 1 58 ? -5.729  5.621   20.647  1.00 0.00 ? 58 PHE A HB2  1 
ATOM 879 H HB3  . PHE A 1 58 ? -6.473  5.586   22.247  1.00 0.00 ? 58 PHE A HB3  1 
ATOM 880 H HD1  . PHE A 1 58 ? -3.364  7.190   20.910  1.00 0.00 ? 58 PHE A HD1  1 
ATOM 881 H HD2  . PHE A 1 58 ? -7.142  7.748   22.860  1.00 0.00 ? 58 PHE A HD2  1 
ATOM 882 H HE1  . PHE A 1 58 ? -2.849  9.596   21.197  1.00 0.00 ? 58 PHE A HE1  1 
ATOM 883 H HE2  . PHE A 1 58 ? -6.635  10.159  23.145  1.00 0.00 ? 58 PHE A HE2  1 
ATOM 884 H HZ   . PHE A 1 58 ? -4.488  11.084  22.315  1.00 0.00 ? 58 PHE A HZ   1 
ATOM 885 N N    . GLY A 1 59 ? -3.558  4.414   24.422  1.00 0.00 ? 59 GLY A N    1 
ATOM 886 C CA   . GLY A 1 59 ? -3.701  4.115   25.878  1.00 0.00 ? 59 GLY A CA   1 
ATOM 887 C C    . GLY A 1 59 ? -3.993  2.628   26.075  1.00 0.00 ? 59 GLY A C    1 
ATOM 888 O O    . GLY A 1 59 ? -3.469  1.834   25.311  1.00 0.00 ? 59 GLY A O    1 
ATOM 889 O OXT  . GLY A 1 59 ? -4.733  2.306   26.991  1.00 0.00 ? 59 GLY A OXT  1 
ATOM 890 H H    . GLY A 1 59 ? -2.675  4.383   24.000  1.00 0.00 ? 59 GLY A H    1 
ATOM 891 H HA2  . GLY A 1 59 ? -2.783  4.374   26.386  1.00 0.00 ? 59 GLY A HA2  1 
ATOM 892 H HA3  . GLY A 1 59 ? -4.514  4.696   26.286  1.00 0.00 ? 59 GLY A HA3  1 
# 
